data_4OQJ
#
_entry.id   4OQJ
#
_cell.length_a   93.512
_cell.length_b   129.455
_cell.length_c   85.088
_cell.angle_alpha   90.00
_cell.angle_beta   98.64
_cell.angle_gamma   90.00
#
_symmetry.space_group_name_H-M   'C 1 2 1'
#
loop_
_entity.id
_entity.type
_entity.pdbx_description
1 polymer PKS
2 non-polymer 'POTASSIUM ION'
3 non-polymer 'PHOSPHATE ION'
4 non-polymer GLYCEROL
5 water water
#
_entity_poly.entity_id   1
_entity_poly.type   'polypeptide(L)'
_entity_poly.pdbx_seq_one_letter_code
;SNA(MSE)NDQRTEQQAAAAEVRDSDIAVIGLACRFPGAATPDTFWKVLSEGRETLTHFSDEELRAAGVAEPLLADDRYV
KAGQVLVDADKFDAGLFGITRDEAELIDPQQRQFLECAYEALERAGYDPQRGEQRIGVYAGVGLNTYLLHNLGERYRTAS
SVDRYR(MSE)(MSE)ITNDKDFVATRTAYKLNLCGPSVSTNTACSTSLVAVHLACLSLLSGDCT(MSE)ALAGAAHIQA
DQGEGYLHHEG(MSE)IFSPDGHCRAFDAKAQGTVIGNGVGAVVLKRLSDALADGDTVHAVIKGTAVNNDGSDKTGYTAP
SVQGQAAVVAEAQEIADVGPETVSYVEAHGTATPLGDPIEVAALNQAFNREGAALAPGSCALGSVKTNVGHLDTAAG
(MSE)AGLIKTIL(MSE)LRHRTLVPSLCFEAPNPEIDFAAGPFYVGTETKEWPAGPTPRRAGVSSFGIGGTNAHVIVEE
PPAVGPAPDAAAAGPRLLVLSANTPAALDTATADLARALRKDRDLDLSAVAQTLALGRRVLPYRRALVATGVRDAALALA
LGDAGRV(MSE)TAGPADERPVVELVTGGGTPEHAAALYEEAAAFREHFDRCAAELGTPAAELLRGHGPDAAFAVQYATA
RALAGWGSTAPVVAADRTELPDAALRLLDGIGAQHTAGAGRPGVALLPAASAPVGTAFLLGLIGRLWTAGDTVDWTVFHQ
GEPVRRVPLPTYPFERVRHWAEPHGGAAPAAGPAALTLRDRFQGVPDAEKSALLTGFIRQEIAAV(MSE)GASDPRTVDL
DTNLFD(MSE)GLDSLILIEVIAKLSDELAHPVRSSAFVEYPTVRSFVADLGEELGIVPGTPEAAPAASGGRVSRRAQRA
AARRPGGA
;
_entity_poly.pdbx_strand_id   A
#
loop_
_chem_comp.id
_chem_comp.type
_chem_comp.name
_chem_comp.formula
GOL non-polymer GLYCEROL 'C3 H8 O3'
K non-polymer 'POTASSIUM ION' 'K 1'
PO4 non-polymer 'PHOSPHATE ION' 'O4 P -3'
#
# COMPACT_ATOMS: atom_id res chain seq x y z
N VAL A 18 -4.15 14.50 19.98
CA VAL A 18 -3.69 13.17 19.61
C VAL A 18 -3.74 12.24 20.82
N ARG A 19 -4.80 11.43 20.87
CA ARG A 19 -5.00 10.47 21.96
C ARG A 19 -4.01 9.32 21.82
N ASP A 20 -3.61 8.76 22.97
CA ASP A 20 -2.66 7.66 22.99
C ASP A 20 -3.11 6.49 22.13
N SER A 21 -4.41 6.24 22.13
CA SER A 21 -4.97 5.05 21.48
C SER A 21 -5.36 5.28 20.01
N ASP A 22 -5.26 6.50 19.51
CA ASP A 22 -5.62 6.76 18.12
C ASP A 22 -4.63 6.05 17.20
N ILE A 23 -5.15 5.39 16.16
CA ILE A 23 -4.34 4.67 15.19
C ILE A 23 -4.38 5.33 13.82
N ALA A 24 -3.23 5.68 13.28
CA ALA A 24 -3.16 6.22 11.92
C ALA A 24 -3.23 5.12 10.86
N VAL A 25 -3.98 5.38 9.79
CA VAL A 25 -3.85 4.61 8.57
C VAL A 25 -2.79 5.28 7.71
N ILE A 26 -1.63 4.64 7.56
CA ILE A 26 -0.52 5.30 6.88
C ILE A 26 -0.30 4.78 5.48
N GLY A 27 -1.05 3.77 5.08
CA GLY A 27 -0.99 3.26 3.73
C GLY A 27 -2.16 2.33 3.49
N LEU A 28 -2.45 2.03 2.22
CA LEU A 28 -3.54 1.13 1.91
C LEU A 28 -3.47 0.74 0.45
N ALA A 29 -4.16 -0.34 0.11
CA ALA A 29 -4.19 -0.83 -1.25
C ALA A 29 -5.42 -1.68 -1.46
N CYS A 30 -5.84 -1.80 -2.71
CA CYS A 30 -7.03 -2.55 -3.04
C CYS A 30 -7.08 -2.90 -4.50
N ARG A 31 -7.60 -4.08 -4.75
CA ARG A 31 -8.00 -4.51 -6.07
C ARG A 31 -9.42 -5.02 -5.92
N PHE A 32 -10.36 -4.21 -6.41
CA PHE A 32 -11.79 -4.45 -6.29
C PHE A 32 -12.34 -4.52 -7.72
N PRO A 33 -13.59 -5.00 -7.89
CA PRO A 33 -14.13 -4.92 -9.26
C PRO A 33 -14.07 -3.51 -9.81
N GLY A 34 -13.54 -3.36 -11.01
CA GLY A 34 -13.47 -2.07 -11.67
C GLY A 34 -12.38 -1.15 -11.16
N ALA A 35 -11.55 -1.61 -10.24
CA ALA A 35 -10.55 -0.73 -9.62
C ALA A 35 -9.37 -1.49 -9.07
N ALA A 36 -8.21 -1.29 -9.67
CA ALA A 36 -6.99 -1.98 -9.25
C ALA A 36 -6.14 -1.16 -8.29
N THR A 37 -6.57 0.07 -7.99
CA THR A 37 -5.82 0.94 -7.08
C THR A 37 -6.77 1.81 -6.28
N PRO A 38 -6.29 2.44 -5.22
CA PRO A 38 -7.14 3.37 -4.48
C PRO A 38 -7.63 4.53 -5.35
N ASP A 39 -6.78 5.03 -6.25
CA ASP A 39 -7.15 6.17 -7.09
C ASP A 39 -8.27 5.80 -8.04
N THR A 40 -8.19 4.62 -8.64
CA THR A 40 -9.26 4.21 -9.54
C THR A 40 -10.52 3.84 -8.74
N PHE A 41 -10.34 3.42 -7.49
CA PHE A 41 -11.49 3.11 -6.63
C PHE A 41 -12.22 4.41 -6.29
N TRP A 42 -11.46 5.47 -6.02
CA TRP A 42 -12.05 6.75 -5.72
C TRP A 42 -12.83 7.25 -6.93
N LYS A 43 -12.36 6.89 -8.12
CA LYS A 43 -13.07 7.29 -9.33
C LYS A 43 -14.41 6.56 -9.45
N VAL A 44 -14.42 5.26 -9.15
CA VAL A 44 -15.66 4.50 -9.13
C VAL A 44 -16.65 5.15 -8.16
N LEU A 45 -16.15 5.55 -6.99
CA LEU A 45 -17.00 6.03 -5.91
C LEU A 45 -17.54 7.43 -6.18
N SER A 46 -16.63 8.35 -6.53
CA SER A 46 -17.00 9.75 -6.76
C SER A 46 -17.82 9.92 -8.02
N GLU A 47 -17.65 9.00 -8.98
CA GLU A 47 -18.43 9.07 -10.23
C GLU A 47 -19.71 8.27 -10.12
N GLY A 48 -19.93 7.63 -8.98
CA GLY A 48 -21.17 6.90 -8.75
C GLY A 48 -21.39 5.76 -9.72
N ARG A 49 -20.38 4.94 -9.96
CA ARG A 49 -20.50 3.85 -10.93
CA ARG A 49 -20.46 3.84 -10.93
C ARG A 49 -20.65 2.47 -10.28
N GLU A 50 -21.52 1.66 -10.89
CA GLU A 50 -21.69 0.24 -10.59
C GLU A 50 -20.67 -0.54 -11.42
N THR A 51 -19.94 -1.46 -10.82
CA THR A 51 -18.87 -2.16 -11.56
C THR A 51 -19.31 -3.53 -12.07
N LEU A 52 -20.60 -3.81 -11.92
CA LEU A 52 -21.21 -5.04 -12.40
C LEU A 52 -20.84 -5.33 -13.85
N THR A 53 -20.40 -6.55 -14.10
CA THR A 53 -20.12 -7.02 -15.45
C THR A 53 -21.26 -7.90 -15.93
N HIS A 54 -21.78 -7.63 -17.13
CA HIS A 54 -22.79 -8.48 -17.74
C HIS A 54 -22.10 -9.47 -18.69
N PHE A 55 -22.45 -10.75 -18.59
CA PHE A 55 -21.79 -11.78 -19.39
C PHE A 55 -22.66 -12.16 -20.59
N SER A 56 -22.03 -12.24 -21.76
CA SER A 56 -22.70 -12.72 -22.96
C SER A 56 -22.87 -14.22 -22.85
N ASP A 57 -23.83 -14.76 -23.59
CA ASP A 57 -23.98 -16.21 -23.68
C ASP A 57 -22.69 -16.86 -24.18
N GLU A 58 -22.02 -16.23 -25.12
CA GLU A 58 -20.74 -16.74 -25.63
C GLU A 58 -19.72 -16.87 -24.50
N GLU A 59 -19.57 -15.82 -23.71
CA GLU A 59 -18.62 -15.83 -22.59
C GLU A 59 -18.98 -16.91 -21.58
N LEU A 60 -20.27 -17.08 -21.32
CA LEU A 60 -20.71 -18.08 -20.36
C LEU A 60 -20.42 -19.49 -20.90
N ARG A 61 -20.63 -19.69 -22.18
CA ARG A 61 -20.34 -20.99 -22.79
C ARG A 61 -18.85 -21.27 -22.74
N ALA A 62 -18.04 -20.27 -23.08
CA ALA A 62 -16.59 -20.37 -22.98
C ALA A 62 -16.18 -20.81 -21.59
N ALA A 63 -16.92 -20.33 -20.58
CA ALA A 63 -16.63 -20.63 -19.19
C ALA A 63 -17.20 -21.97 -18.76
N GLY A 64 -17.74 -22.73 -19.72
CA GLY A 64 -18.27 -24.06 -19.43
C GLY A 64 -19.59 -24.09 -18.69
N VAL A 65 -20.36 -23.02 -18.77
CA VAL A 65 -21.69 -23.01 -18.17
C VAL A 65 -22.61 -23.89 -18.99
N ALA A 66 -23.27 -24.83 -18.32
CA ALA A 66 -24.15 -25.80 -18.98
C ALA A 66 -25.36 -25.12 -19.63
N GLU A 67 -25.84 -25.72 -20.72
CA GLU A 67 -26.90 -25.12 -21.52
C GLU A 67 -28.27 -25.02 -20.83
N PRO A 68 -28.65 -26.04 -20.02
CA PRO A 68 -29.90 -25.90 -19.27
C PRO A 68 -29.87 -24.71 -18.32
N LEU A 69 -28.69 -24.43 -17.80
CA LEU A 69 -28.46 -23.34 -16.85
C LEU A 69 -28.68 -21.98 -17.52
N LEU A 70 -28.13 -21.81 -18.72
CA LEU A 70 -28.28 -20.58 -19.49
C LEU A 70 -29.73 -20.28 -19.80
N ALA A 71 -30.47 -21.34 -20.14
CA ALA A 71 -31.86 -21.22 -20.54
C ALA A 71 -32.76 -20.83 -19.38
N ASP A 72 -32.34 -21.20 -18.17
CA ASP A 72 -33.15 -20.98 -16.96
C ASP A 72 -33.34 -19.49 -16.70
N ASP A 73 -34.60 -19.07 -16.61
CA ASP A 73 -34.95 -17.67 -16.45
C ASP A 73 -34.56 -17.13 -15.07
N ARG A 74 -34.22 -18.04 -14.16
CA ARG A 74 -33.73 -17.64 -12.83
C ARG A 74 -32.24 -17.32 -12.87
N TYR A 75 -31.56 -17.73 -13.94
CA TYR A 75 -30.12 -17.55 -14.03
C TYR A 75 -29.78 -16.09 -14.27
N VAL A 76 -28.85 -15.56 -13.47
CA VAL A 76 -28.40 -14.17 -13.59
C VAL A 76 -27.05 -14.12 -14.31
N LYS A 77 -27.04 -13.52 -15.50
CA LYS A 77 -25.85 -13.52 -16.34
C LYS A 77 -24.97 -12.29 -16.07
N ALA A 78 -24.51 -12.17 -14.82
CA ALA A 78 -23.72 -11.02 -14.42
C ALA A 78 -22.92 -11.37 -13.18
N GLY A 79 -21.88 -10.60 -12.93
CA GLY A 79 -21.03 -10.84 -11.79
C GLY A 79 -20.14 -9.64 -11.51
N GLN A 80 -19.54 -9.64 -10.33
CA GLN A 80 -18.61 -8.59 -9.91
C GLN A 80 -17.24 -9.21 -9.89
N VAL A 81 -16.52 -9.10 -11.00
CA VAL A 81 -15.27 -9.84 -11.17
C VAL A 81 -14.02 -9.00 -10.90
N LEU A 82 -13.00 -9.68 -10.38
CA LEU A 82 -11.69 -9.09 -10.24
C LEU A 82 -10.82 -9.47 -11.44
N VAL A 83 -10.51 -8.49 -12.28
CA VAL A 83 -9.68 -8.73 -13.47
CA VAL A 83 -9.69 -8.74 -13.46
C VAL A 83 -8.28 -9.15 -13.06
N ASP A 84 -7.72 -10.11 -13.81
CA ASP A 84 -6.35 -10.58 -13.61
C ASP A 84 -6.11 -11.20 -12.24
N ALA A 85 -7.16 -11.78 -11.65
CA ALA A 85 -7.01 -12.51 -10.41
C ALA A 85 -6.04 -13.70 -10.57
N ASP A 86 -5.86 -14.16 -11.80
CA ASP A 86 -4.98 -15.27 -12.12
C ASP A 86 -3.51 -14.87 -12.29
N LYS A 87 -3.23 -13.57 -12.30
CA LYS A 87 -1.88 -13.06 -12.58
C LYS A 87 -1.06 -12.94 -11.29
N PHE A 88 0.24 -13.23 -11.37
CA PHE A 88 1.10 -13.18 -10.18
C PHE A 88 2.57 -13.15 -10.55
N ASP A 89 3.31 -12.21 -9.94
CA ASP A 89 4.72 -12.02 -10.25
C ASP A 89 5.58 -12.93 -9.40
N ALA A 90 5.63 -14.19 -9.78
CA ALA A 90 6.28 -15.20 -8.96
C ALA A 90 7.78 -14.93 -8.83
N GLY A 91 8.40 -14.43 -9.89
CA GLY A 91 9.83 -14.14 -9.88
C GLY A 91 10.21 -13.15 -8.79
N LEU A 92 9.39 -12.11 -8.65
CA LEU A 92 9.65 -11.07 -7.68
C LEU A 92 9.68 -11.66 -6.28
N PHE A 93 8.83 -12.65 -6.03
CA PHE A 93 8.75 -13.24 -4.69
C PHE A 93 9.55 -14.54 -4.55
N GLY A 94 10.37 -14.86 -5.55
CA GLY A 94 11.24 -16.01 -5.44
C GLY A 94 10.47 -17.31 -5.40
N ILE A 95 9.35 -17.35 -6.11
CA ILE A 95 8.46 -18.51 -6.13
C ILE A 95 8.54 -19.19 -7.51
N THR A 96 8.66 -20.51 -7.54
CA THR A 96 8.75 -21.23 -8.81
C THR A 96 7.40 -21.24 -9.49
N ARG A 97 7.39 -21.55 -10.79
CA ARG A 97 6.15 -21.68 -11.55
C ARG A 97 5.23 -22.74 -10.95
N ASP A 98 5.79 -23.91 -10.64
CA ASP A 98 5.00 -25.00 -10.09
C ASP A 98 4.38 -24.57 -8.77
N GLU A 99 5.12 -23.85 -7.93
CA GLU A 99 4.55 -23.44 -6.66
C GLU A 99 3.49 -22.36 -6.88
N ALA A 100 3.75 -21.42 -7.79
CA ALA A 100 2.81 -20.33 -8.04
C ALA A 100 1.45 -20.87 -8.48
N GLU A 101 1.51 -21.91 -9.29
CA GLU A 101 0.31 -22.57 -9.78
C GLU A 101 -0.47 -23.21 -8.63
N LEU A 102 0.25 -23.76 -7.66
CA LEU A 102 -0.42 -24.41 -6.53
C LEU A 102 -1.06 -23.41 -5.55
N ILE A 103 -0.48 -22.23 -5.39
CA ILE A 103 -0.96 -21.28 -4.39
C ILE A 103 -2.33 -20.72 -4.77
N ASP A 104 -3.25 -20.80 -3.82
CA ASP A 104 -4.55 -20.18 -3.94
C ASP A 104 -4.40 -18.73 -4.46
N PRO A 105 -5.10 -18.39 -5.55
CA PRO A 105 -5.07 -17.00 -6.02
C PRO A 105 -5.42 -15.98 -4.95
N GLN A 106 -6.26 -16.33 -3.98
CA GLN A 106 -6.55 -15.39 -2.91
C GLN A 106 -5.29 -14.98 -2.15
N GLN A 107 -4.39 -15.94 -1.94
CA GLN A 107 -3.15 -15.69 -1.19
C GLN A 107 -2.14 -14.96 -2.05
N ARG A 108 -2.11 -15.27 -3.35
CA ARG A 108 -1.25 -14.53 -4.27
C ARG A 108 -1.67 -13.08 -4.37
N GLN A 109 -2.97 -12.86 -4.54
CA GLN A 109 -3.47 -11.49 -4.63
C GLN A 109 -3.27 -10.75 -3.30
N PHE A 110 -3.40 -11.43 -2.18
CA PHE A 110 -3.21 -10.75 -0.90
C PHE A 110 -1.75 -10.34 -0.75
N LEU A 111 -0.84 -11.22 -1.20
CA LEU A 111 0.59 -10.94 -1.12
C LEU A 111 0.96 -9.72 -1.96
N GLU A 112 0.45 -9.64 -3.19
CA GLU A 112 0.77 -8.46 -4.01
C GLU A 112 0.12 -7.22 -3.41
N CYS A 113 -1.11 -7.36 -2.91
CA CYS A 113 -1.82 -6.21 -2.33
C CYS A 113 -1.10 -5.65 -1.08
N ALA A 114 -0.61 -6.55 -0.23
CA ALA A 114 0.13 -6.14 0.98
C ALA A 114 1.42 -5.41 0.61
N TYR A 115 2.13 -5.94 -0.39
CA TYR A 115 3.31 -5.29 -0.92
C TYR A 115 2.96 -3.86 -1.35
N GLU A 116 1.87 -3.71 -2.09
CA GLU A 116 1.42 -2.39 -2.55
C GLU A 116 1.09 -1.48 -1.38
N ALA A 117 0.45 -2.02 -0.35
CA ALA A 117 0.05 -1.19 0.80
C ALA A 117 1.27 -0.64 1.53
N LEU A 118 2.29 -1.47 1.70
CA LEU A 118 3.53 -1.04 2.35
C LEU A 118 4.28 -0.05 1.46
N GLU A 119 4.31 -0.30 0.16
CA GLU A 119 4.84 0.68 -0.78
C GLU A 119 4.15 2.04 -0.66
N ARG A 120 2.83 2.06 -0.62
CA ARG A 120 2.13 3.34 -0.54
C ARG A 120 2.42 4.00 0.79
N ALA A 121 2.58 3.22 1.86
CA ALA A 121 2.94 3.75 3.17
C ALA A 121 4.36 4.32 3.18
N GLY A 122 5.23 3.78 2.33
CA GLY A 122 6.59 4.25 2.21
C GLY A 122 7.59 3.43 3.01
N TYR A 123 7.24 2.20 3.39
CA TYR A 123 8.12 1.35 4.19
C TYR A 123 8.52 0.07 3.47
N ASP A 124 9.84 -0.13 3.37
CA ASP A 124 10.44 -1.37 2.89
C ASP A 124 10.79 -2.24 4.09
N PRO A 125 10.00 -3.28 4.36
CA PRO A 125 10.29 -4.05 5.58
C PRO A 125 11.58 -4.86 5.53
N GLN A 126 12.25 -4.93 4.37
CA GLN A 126 13.53 -5.61 4.32
C GLN A 126 14.62 -4.78 4.98
N ARG A 127 14.31 -3.53 5.29
CA ARG A 127 15.28 -2.65 5.97
C ARG A 127 14.62 -2.05 7.21
N GLY A 128 15.42 -1.50 8.12
CA GLY A 128 14.86 -0.80 9.26
C GLY A 128 14.57 -1.69 10.45
N GLU A 129 14.14 -1.07 11.54
CA GLU A 129 13.98 -1.75 12.83
C GLU A 129 12.52 -1.89 13.23
N GLN A 130 11.61 -1.46 12.35
CA GLN A 130 10.18 -1.55 12.64
C GLN A 130 9.77 -3.01 12.79
N ARG A 131 8.84 -3.26 13.71
CA ARG A 131 8.28 -4.59 13.88
C ARG A 131 6.85 -4.58 13.35
N ILE A 132 6.63 -5.30 12.26
CA ILE A 132 5.39 -5.23 11.51
C ILE A 132 4.61 -6.54 11.62
N GLY A 133 3.40 -6.46 12.18
CA GLY A 133 2.50 -7.60 12.27
C GLY A 133 1.55 -7.66 11.09
N VAL A 134 0.84 -8.76 10.95
CA VAL A 134 -0.16 -8.90 9.91
C VAL A 134 -1.31 -9.80 10.34
N TYR A 135 -2.53 -9.26 10.20
CA TYR A 135 -3.77 -9.97 10.46
C TYR A 135 -4.59 -10.01 9.17
N ALA A 136 -4.87 -11.20 8.67
CA ALA A 136 -5.52 -11.30 7.37
C ALA A 136 -6.33 -12.58 7.24
N GLY A 137 -7.34 -12.56 6.38
CA GLY A 137 -8.16 -13.73 6.14
C GLY A 137 -8.49 -13.87 4.67
N VAL A 138 -8.69 -15.10 4.20
CA VAL A 138 -9.18 -15.33 2.85
C VAL A 138 -10.46 -16.13 2.90
N GLY A 139 -11.19 -16.08 1.81
CA GLY A 139 -12.47 -16.76 1.71
C GLY A 139 -12.30 -18.24 1.45
N LEU A 140 -13.43 -18.91 1.34
CA LEU A 140 -13.48 -20.33 1.00
C LEU A 140 -12.53 -20.62 -0.15
N ASN A 141 -11.67 -21.61 -0.01
CA ASN A 141 -10.70 -21.89 -1.07
C ASN A 141 -11.33 -22.80 -2.12
N THR A 142 -12.01 -22.20 -3.08
CA THR A 142 -12.65 -22.97 -4.14
C THR A 142 -11.60 -23.40 -5.18
N TYR A 143 -10.42 -22.77 -5.16
CA TYR A 143 -9.31 -23.18 -6.04
C TYR A 143 -8.85 -24.59 -5.69
N LEU A 144 -8.73 -24.86 -4.40
CA LEU A 144 -8.35 -26.17 -3.89
C LEU A 144 -9.44 -27.18 -4.19
N LEU A 145 -10.69 -26.81 -3.92
CA LEU A 145 -11.81 -27.72 -4.10
C LEU A 145 -12.07 -28.04 -5.58
N HIS A 146 -12.02 -27.02 -6.45
CA HIS A 146 -12.30 -27.21 -7.87
C HIS A 146 -11.05 -27.57 -8.67
N ASN A 147 -10.14 -26.61 -8.80
CA ASN A 147 -8.97 -26.76 -9.67
C ASN A 147 -7.99 -27.84 -9.23
N LEU A 148 -7.83 -28.01 -7.92
CA LEU A 148 -6.87 -28.95 -7.37
C LEU A 148 -7.53 -30.14 -6.71
N GLY A 149 -8.86 -30.19 -6.75
CA GLY A 149 -9.63 -31.23 -6.11
C GLY A 149 -9.16 -32.63 -6.47
N GLU A 150 -9.32 -33.01 -7.74
CA GLU A 150 -8.95 -34.35 -8.18
C GLU A 150 -7.47 -34.59 -7.93
N ARG A 151 -6.67 -33.57 -8.19
CA ARG A 151 -5.24 -33.61 -7.98
CA ARG A 151 -5.23 -33.64 -7.99
C ARG A 151 -4.92 -34.04 -6.55
N TYR A 152 -5.62 -33.44 -5.59
CA TYR A 152 -5.40 -33.76 -4.18
C TYR A 152 -5.69 -35.22 -3.82
N ARG A 153 -6.87 -35.71 -4.18
CA ARG A 153 -7.30 -37.03 -3.72
C ARG A 153 -6.52 -38.19 -4.35
N THR A 154 -5.84 -37.93 -5.46
CA THR A 154 -5.04 -38.95 -6.14
C THR A 154 -3.53 -38.70 -6.01
N ALA A 155 -3.14 -37.89 -5.03
CA ALA A 155 -1.73 -37.53 -4.84
C ALA A 155 -1.13 -38.21 -3.62
N SER A 156 0.19 -38.27 -3.60
CA SER A 156 0.94 -38.78 -2.46
C SER A 156 0.80 -37.87 -1.24
N SER A 157 1.35 -38.31 -0.12
CA SER A 157 1.27 -37.52 1.11
C SER A 157 2.22 -36.31 1.00
N VAL A 158 3.33 -36.49 0.28
CA VAL A 158 4.27 -35.39 0.05
C VAL A 158 3.61 -34.27 -0.76
N ASP A 159 2.88 -34.64 -1.79
CA ASP A 159 2.27 -33.66 -2.69
C ASP A 159 1.03 -33.03 -2.06
N ARG A 160 0.29 -33.83 -1.29
CA ARG A 160 -0.80 -33.31 -0.49
C ARG A 160 -0.30 -32.27 0.51
N TYR A 161 0.83 -32.57 1.15
CA TYR A 161 1.44 -31.65 2.10
C TYR A 161 1.80 -30.34 1.39
N ARG A 162 2.39 -30.42 0.22
CA ARG A 162 2.74 -29.21 -0.51
C ARG A 162 1.46 -28.42 -0.91
N MSE A 163 0.38 -29.11 -1.23
CA MSE A 163 -0.88 -28.43 -1.50
C MSE A 163 -1.48 -27.80 -0.23
O MSE A 163 -2.04 -26.73 -0.28
CB MSE A 163 -1.88 -29.41 -2.13
CG MSE A 163 -1.65 -29.56 -3.64
SE MSE A 163 -2.95 -30.70 -4.51
CE MSE A 163 -2.04 -32.37 -4.16
H MSE A 163 0.35 -29.98 -1.30
HA MSE A 163 -0.72 -27.73 -2.14
HB2 MSE A 163 -1.79 -30.29 -1.72
HB3 MSE A 163 -2.79 -29.08 -1.99
HG2 MSE A 163 -1.69 -28.69 -4.06
HG3 MSE A 163 -0.77 -29.94 -3.78
HE1 MSE A 163 -2.56 -33.10 -4.53
HE2 MSE A 163 -1.16 -32.35 -4.57
HE3 MSE A 163 -1.95 -32.49 -3.20
N MSE A 164 -1.32 -28.45 0.93
CA MSE A 164 -1.82 -27.88 2.17
C MSE A 164 -1.11 -26.55 2.51
O MSE A 164 -1.77 -25.57 2.89
CB MSE A 164 -1.64 -28.86 3.33
CG MSE A 164 -2.02 -28.29 4.70
SE MSE A 164 -1.48 -29.47 6.17
CE MSE A 164 0.43 -28.97 6.21
H MSE A 164 -0.94 -29.21 1.01
HA MSE A 164 -2.76 -27.70 2.08
HB2 MSE A 164 -2.20 -29.64 3.17
HB3 MSE A 164 -0.71 -29.13 3.37
HG2 MSE A 164 -1.58 -27.44 4.82
HG3 MSE A 164 -2.98 -28.18 4.74
HE1 MSE A 164 0.87 -29.48 6.91
HE2 MSE A 164 0.83 -29.18 5.36
HE3 MSE A 164 0.51 -28.02 6.39
N ILE A 165 0.21 -26.50 2.41
CA ILE A 165 0.90 -25.27 2.81
C ILE A 165 0.75 -24.17 1.76
N THR A 166 0.24 -24.51 0.57
CA THR A 166 -0.02 -23.48 -0.44
C THR A 166 -1.50 -23.10 -0.53
N ASN A 167 -2.36 -23.73 0.28
CA ASN A 167 -3.80 -23.51 0.15
C ASN A 167 -4.61 -23.37 1.43
N ASP A 168 -4.11 -23.86 2.55
CA ASP A 168 -4.92 -23.78 3.76
C ASP A 168 -4.94 -22.33 4.27
N LYS A 169 -6.03 -21.95 4.92
CA LYS A 169 -6.24 -20.56 5.37
C LYS A 169 -5.10 -20.05 6.24
N ASP A 170 -4.53 -20.97 7.02
CA ASP A 170 -3.46 -20.68 7.97
C ASP A 170 -2.28 -19.97 7.38
N PHE A 171 -2.10 -20.08 6.07
CA PHE A 171 -0.81 -19.68 5.49
C PHE A 171 -0.85 -18.34 4.79
N VAL A 172 -2.02 -17.68 4.73
CA VAL A 172 -2.08 -16.40 4.02
C VAL A 172 -1.24 -15.34 4.73
N ALA A 173 -1.35 -15.26 6.06
CA ALA A 173 -0.65 -14.24 6.80
C ALA A 173 0.83 -14.58 6.90
N THR A 174 1.15 -15.85 7.15
CA THR A 174 2.55 -16.22 7.31
C THR A 174 3.34 -16.24 5.99
N ARG A 175 2.70 -16.61 4.87
CA ARG A 175 3.35 -16.49 3.57
C ARG A 175 3.75 -15.05 3.34
N THR A 176 2.85 -14.13 3.67
CA THR A 176 3.13 -12.71 3.51
C THR A 176 4.26 -12.29 4.44
N ALA A 177 4.25 -12.76 5.68
CA ALA A 177 5.31 -12.40 6.63
C ALA A 177 6.67 -12.89 6.11
N TYR A 178 6.69 -14.11 5.59
CA TYR A 178 7.94 -14.70 5.11
C TYR A 178 8.48 -14.00 3.86
N LYS A 179 7.58 -13.62 2.96
CA LYS A 179 8.03 -13.06 1.69
C LYS A 179 8.25 -11.56 1.75
N LEU A 180 7.60 -10.86 2.69
CA LEU A 180 7.78 -9.41 2.85
C LEU A 180 8.69 -9.03 4.03
N ASN A 181 9.03 -9.99 4.88
CA ASN A 181 9.80 -9.80 6.13
C ASN A 181 9.04 -9.07 7.23
N LEU A 182 7.91 -9.63 7.63
CA LEU A 182 7.11 -9.08 8.72
C LEU A 182 7.37 -9.95 9.93
N CYS A 183 7.92 -9.38 11.00
CA CYS A 183 8.35 -10.14 12.17
C CYS A 183 7.44 -9.97 13.38
N GLY A 184 6.39 -9.18 13.22
CA GLY A 184 5.38 -9.07 14.26
C GLY A 184 4.46 -10.29 14.22
N PRO A 185 3.45 -10.32 15.09
CA PRO A 185 2.48 -11.43 15.02
C PRO A 185 1.88 -11.51 13.63
N SER A 186 1.85 -12.72 13.07
CA SER A 186 1.28 -12.94 11.76
C SER A 186 0.23 -14.02 11.89
N VAL A 187 -1.02 -13.62 11.75
CA VAL A 187 -2.13 -14.45 12.16
C VAL A 187 -3.22 -14.45 11.11
N SER A 188 -3.68 -15.63 10.72
CA SER A 188 -4.86 -15.71 9.86
C SER A 188 -6.10 -15.69 10.73
N THR A 189 -6.97 -14.73 10.42
CA THR A 189 -8.17 -14.46 11.21
C THR A 189 -9.37 -14.53 10.27
N ASN A 190 -10.38 -15.28 10.68
CA ASN A 190 -11.53 -15.54 9.83
C ASN A 190 -12.83 -15.51 10.63
N THR A 191 -13.78 -14.66 10.19
CA THR A 191 -15.11 -14.59 10.78
C THR A 191 -16.15 -14.37 9.66
N ALA A 192 -15.91 -15.00 8.53
CA ALA A 192 -16.78 -14.82 7.36
C ALA A 192 -16.89 -13.35 6.94
N CYS A 193 -18.10 -12.85 6.70
CA CYS A 193 -18.28 -11.52 6.07
C CYS A 193 -17.69 -10.36 6.86
N SER A 194 -17.44 -10.56 8.15
CA SER A 194 -16.86 -9.51 8.98
C SER A 194 -15.35 -9.59 9.15
N THR A 195 -14.73 -10.59 8.52
CA THR A 195 -13.29 -10.84 8.63
C THR A 195 -12.43 -9.58 8.55
N SER A 196 -12.71 -8.71 7.58
CA SER A 196 -11.87 -7.53 7.37
C SER A 196 -11.75 -6.64 8.59
N LEU A 197 -12.88 -6.28 9.18
CA LEU A 197 -12.86 -5.37 10.31
C LEU A 197 -12.41 -6.04 11.61
N VAL A 198 -12.67 -7.33 11.75
CA VAL A 198 -12.09 -8.09 12.86
C VAL A 198 -10.56 -8.08 12.76
N ALA A 199 -10.01 -8.24 11.56
CA ALA A 199 -8.57 -8.20 11.39
C ALA A 199 -8.06 -6.82 11.79
N VAL A 200 -8.79 -5.78 11.37
CA VAL A 200 -8.44 -4.41 11.75
C VAL A 200 -8.48 -4.28 13.27
N HIS A 201 -9.53 -4.81 13.89
CA HIS A 201 -9.65 -4.74 15.35
C HIS A 201 -8.46 -5.39 16.04
N LEU A 202 -8.08 -6.59 15.59
CA LEU A 202 -6.99 -7.29 16.27
C LEU A 202 -5.64 -6.60 16.00
N ALA A 203 -5.47 -6.05 14.81
CA ALA A 203 -4.26 -5.28 14.51
C ALA A 203 -4.13 -4.08 15.46
N CYS A 204 -5.22 -3.35 15.67
CA CYS A 204 -5.21 -2.23 16.61
C CYS A 204 -4.91 -2.72 18.04
N LEU A 205 -5.54 -3.81 18.46
CA LEU A 205 -5.25 -4.36 19.81
C LEU A 205 -3.76 -4.72 19.95
N SER A 206 -3.22 -5.37 18.92
CA SER A 206 -1.80 -5.70 18.90
C SER A 206 -0.92 -4.47 19.03
N LEU A 207 -1.23 -3.45 18.24
CA LEU A 207 -0.47 -2.20 18.23
C LEU A 207 -0.51 -1.52 19.57
N LEU A 208 -1.68 -1.51 20.19
CA LEU A 208 -1.82 -0.80 21.44
C LEU A 208 -1.19 -1.60 22.59
N SER A 209 -1.10 -2.91 22.45
CA SER A 209 -0.47 -3.76 23.46
C SER A 209 1.05 -3.82 23.32
N GLY A 210 1.56 -3.40 22.15
CA GLY A 210 2.98 -3.45 21.87
C GLY A 210 3.52 -4.74 21.26
N ASP A 211 2.66 -5.59 20.69
CA ASP A 211 3.14 -6.72 19.92
C ASP A 211 4.01 -6.23 18.75
N CYS A 212 3.77 -5.01 18.29
CA CYS A 212 4.38 -4.48 17.07
C CYS A 212 4.27 -2.96 16.98
N THR A 213 4.99 -2.35 16.04
CA THR A 213 4.97 -0.89 15.88
C THR A 213 4.18 -0.48 14.63
N MSE A 214 4.00 -1.43 13.71
CA MSE A 214 3.11 -1.26 12.57
C MSE A 214 2.38 -2.56 12.34
O MSE A 214 2.86 -3.61 12.77
CB MSE A 214 3.88 -0.87 11.30
CG MSE A 214 4.37 0.55 11.23
SE MSE A 214 5.69 0.77 9.79
CE MSE A 214 4.81 -0.16 8.38
H MSE A 214 4.41 -2.19 13.71
HA MSE A 214 2.46 -0.57 12.77
HB2 MSE A 214 4.64 -1.45 11.22
HB3 MSE A 214 3.29 -1.01 10.54
HG2 MSE A 214 3.62 1.15 11.04
HG3 MSE A 214 4.78 0.79 12.07
HE1 MSE A 214 5.36 -0.14 7.58
HE2 MSE A 214 4.66 -1.08 8.65
HE3 MSE A 214 3.96 0.27 8.20
N ALA A 215 1.25 -2.51 11.66
CA ALA A 215 0.51 -3.74 11.37
C ALA A 215 -0.26 -3.62 10.06
N LEU A 216 -0.24 -4.68 9.27
CA LEU A 216 -1.18 -4.82 8.16
C LEU A 216 -2.45 -5.53 8.60
N ALA A 217 -3.56 -5.10 8.03
CA ALA A 217 -4.83 -5.79 8.21
C ALA A 217 -5.50 -5.84 6.85
N GLY A 218 -6.05 -6.99 6.48
CA GLY A 218 -6.65 -7.11 5.17
C GLY A 218 -7.32 -8.44 4.93
N ALA A 219 -7.81 -8.63 3.71
CA ALA A 219 -8.55 -9.82 3.38
C ALA A 219 -8.66 -9.94 1.88
N ALA A 220 -8.85 -11.16 1.39
CA ALA A 220 -9.07 -11.42 -0.04
C ALA A 220 -10.19 -12.40 -0.19
N HIS A 221 -11.06 -12.18 -1.18
CA HIS A 221 -12.10 -13.16 -1.52
C HIS A 221 -12.15 -13.28 -3.03
N ILE A 222 -11.78 -14.44 -3.53
CA ILE A 222 -11.79 -14.67 -4.99
C ILE A 222 -12.33 -16.04 -5.29
N GLN A 223 -13.44 -16.09 -5.98
CA GLN A 223 -14.02 -17.35 -6.41
C GLN A 223 -13.24 -17.90 -7.59
N ALA A 224 -12.90 -19.18 -7.53
CA ALA A 224 -12.13 -19.78 -8.61
C ALA A 224 -12.96 -19.80 -9.89
N ASP A 225 -14.28 -19.73 -9.78
CA ASP A 225 -15.13 -19.74 -10.97
C ASP A 225 -15.82 -18.38 -11.22
N GLN A 226 -15.15 -17.29 -10.85
CA GLN A 226 -15.69 -15.98 -11.21
C GLN A 226 -15.71 -15.94 -12.74
N GLY A 227 -16.59 -15.13 -13.29
CA GLY A 227 -16.74 -15.06 -14.74
C GLY A 227 -17.97 -15.82 -15.20
N GLU A 228 -18.60 -16.52 -14.27
CA GLU A 228 -19.87 -17.18 -14.51
C GLU A 228 -20.98 -16.40 -13.83
N GLY A 229 -22.22 -16.65 -14.23
CA GLY A 229 -23.35 -16.04 -13.57
C GLY A 229 -23.72 -16.85 -12.35
N TYR A 230 -24.95 -16.71 -11.87
CA TYR A 230 -25.43 -17.49 -10.74
C TYR A 230 -26.92 -17.71 -10.84
N LEU A 231 -27.39 -18.79 -10.23
CA LEU A 231 -28.80 -19.10 -10.22
C LEU A 231 -29.43 -18.39 -9.03
N HIS A 232 -30.57 -17.76 -9.26
CA HIS A 232 -31.24 -17.04 -8.20
C HIS A 232 -32.07 -18.02 -7.39
N HIS A 233 -31.92 -17.99 -6.06
CA HIS A 233 -32.74 -18.76 -5.13
C HIS A 233 -33.38 -17.82 -4.11
N GLU A 234 -34.70 -17.93 -3.93
CA GLU A 234 -35.40 -16.99 -3.05
C GLU A 234 -34.96 -17.09 -1.59
N GLY A 235 -34.44 -18.25 -1.20
CA GLY A 235 -33.99 -18.44 0.17
C GLY A 235 -32.56 -17.98 0.44
N MSE A 236 -32.02 -17.14 -0.45
CA MSE A 236 -30.63 -16.70 -0.34
C MSE A 236 -30.45 -15.21 -0.62
O MSE A 236 -31.35 -14.53 -1.12
CB MSE A 236 -29.76 -17.55 -1.26
CG MSE A 236 -29.75 -19.05 -0.90
SE MSE A 236 -27.97 -19.77 -0.59
CE MSE A 236 -27.45 -19.98 -2.46
H MSE A 236 -32.45 -16.82 -1.14
HA MSE A 236 -30.34 -16.88 0.58
HB2 MSE A 236 -30.07 -17.47 -2.16
HB3 MSE A 236 -28.84 -17.24 -1.20
HG2 MSE A 236 -30.27 -19.17 -0.09
HG3 MSE A 236 -30.15 -19.55 -1.63
HE1 MSE A 236 -26.54 -20.34 -2.50
HE2 MSE A 236 -28.06 -20.59 -2.90
HE3 MSE A 236 -27.47 -19.11 -2.90
N ILE A 237 -29.26 -14.71 -0.30
CA ILE A 237 -29.01 -13.28 -0.20
C ILE A 237 -28.85 -12.59 -1.56
N PHE A 238 -28.89 -13.36 -2.64
CA PHE A 238 -28.46 -12.86 -3.95
C PHE A 238 -29.61 -12.33 -4.77
N SER A 239 -29.39 -11.19 -5.42
CA SER A 239 -30.46 -10.51 -6.11
C SER A 239 -30.78 -11.16 -7.44
N PRO A 240 -32.01 -10.93 -7.95
CA PRO A 240 -32.48 -11.51 -9.21
C PRO A 240 -31.93 -10.84 -10.46
N ASP A 241 -31.31 -9.67 -10.32
CA ASP A 241 -30.85 -8.89 -11.48
C ASP A 241 -29.39 -8.44 -11.39
N GLY A 242 -28.66 -8.91 -10.39
CA GLY A 242 -27.26 -8.53 -10.24
C GLY A 242 -27.04 -7.14 -9.66
N HIS A 243 -28.11 -6.44 -9.35
CA HIS A 243 -28.02 -5.13 -8.72
C HIS A 243 -28.27 -5.24 -7.21
N CYS A 244 -27.57 -4.41 -6.45
CA CYS A 244 -27.70 -4.37 -5.00
C CYS A 244 -28.32 -3.04 -4.57
N ARG A 245 -29.62 -3.06 -4.28
CA ARG A 245 -30.38 -1.82 -4.13
C ARG A 245 -30.56 -1.48 -2.66
N ALA A 246 -29.46 -1.16 -1.99
CA ALA A 246 -29.43 -1.02 -0.55
C ALA A 246 -30.37 0.08 -0.07
N PHE A 247 -31.24 -0.30 0.86
CA PHE A 247 -32.18 0.59 1.56
C PHE A 247 -33.37 1.03 0.70
N ASP A 248 -33.37 0.59 -0.55
CA ASP A 248 -34.44 0.93 -1.49
C ASP A 248 -35.65 0.03 -1.30
N ALA A 249 -36.82 0.50 -1.75
CA ALA A 249 -38.05 -0.26 -1.60
C ALA A 249 -37.99 -1.56 -2.41
N LYS A 250 -37.19 -1.57 -3.47
CA LYS A 250 -37.06 -2.73 -4.34
C LYS A 250 -35.85 -3.59 -3.95
N ALA A 251 -35.30 -3.37 -2.76
CA ALA A 251 -34.19 -4.18 -2.28
C ALA A 251 -34.51 -5.67 -2.38
N GLN A 252 -33.67 -6.41 -3.09
CA GLN A 252 -33.85 -7.86 -3.23
C GLN A 252 -32.54 -8.62 -3.12
N GLY A 253 -31.57 -8.09 -2.39
CA GLY A 253 -30.31 -8.78 -2.17
C GLY A 253 -29.14 -8.20 -2.94
N THR A 254 -28.06 -8.97 -2.99
CA THR A 254 -26.77 -8.44 -3.42
C THR A 254 -26.16 -9.40 -4.43
N VAL A 255 -24.93 -9.13 -4.81
CA VAL A 255 -24.17 -9.99 -5.73
C VAL A 255 -22.84 -10.26 -5.06
N ILE A 256 -22.40 -11.48 -5.04
CA ILE A 256 -21.12 -11.81 -4.50
C ILE A 256 -20.05 -11.19 -5.36
N GLY A 257 -19.05 -10.63 -4.76
CA GLY A 257 -17.97 -10.05 -5.53
C GLY A 257 -16.61 -10.61 -5.19
N ASN A 258 -15.63 -10.16 -5.95
CA ASN A 258 -14.28 -10.66 -5.80
C ASN A 258 -13.33 -9.50 -5.60
N GLY A 259 -12.43 -9.61 -4.64
CA GLY A 259 -11.49 -8.54 -4.40
C GLY A 259 -10.60 -8.72 -3.21
N VAL A 260 -9.72 -7.75 -3.00
CA VAL A 260 -8.69 -7.85 -1.98
C VAL A 260 -8.34 -6.45 -1.55
N GLY A 261 -8.05 -6.28 -0.26
CA GLY A 261 -7.68 -4.97 0.25
C GLY A 261 -6.83 -5.12 1.49
N ALA A 262 -6.05 -4.08 1.77
CA ALA A 262 -5.21 -4.02 2.96
C ALA A 262 -4.98 -2.59 3.40
N VAL A 263 -4.85 -2.42 4.72
CA VAL A 263 -4.42 -1.16 5.29
C VAL A 263 -3.19 -1.39 6.15
N VAL A 264 -2.38 -0.33 6.27
CA VAL A 264 -1.19 -0.33 7.12
C VAL A 264 -1.46 0.63 8.27
N LEU A 265 -1.32 0.14 9.50
CA LEU A 265 -1.72 0.85 10.71
C LEU A 265 -0.50 1.11 11.60
N LYS A 266 -0.53 2.25 12.29
CA LYS A 266 0.54 2.68 13.18
C LYS A 266 -0.06 3.64 14.20
N ARG A 267 0.45 3.66 15.42
CA ARG A 267 -0.05 4.63 16.40
C ARG A 267 0.02 6.00 15.77
N LEU A 268 -1.00 6.81 15.99
CA LEU A 268 -1.03 8.13 15.37
C LEU A 268 0.14 8.98 15.83
N SER A 269 0.44 8.96 17.12
CA SER A 269 1.56 9.75 17.63
C SER A 269 2.87 9.35 16.93
N ASP A 270 3.10 8.05 16.74
CA ASP A 270 4.31 7.59 16.05
C ASP A 270 4.33 8.06 14.61
N ALA A 271 3.18 7.94 13.94
CA ALA A 271 3.08 8.30 12.54
C ALA A 271 3.46 9.76 12.33
N LEU A 272 2.91 10.62 13.17
CA LEU A 272 3.18 12.04 13.08
C LEU A 272 4.67 12.32 13.35
N ALA A 273 5.21 11.65 14.35
CA ALA A 273 6.62 11.84 14.72
C ALA A 273 7.55 11.41 13.61
N ASP A 274 7.18 10.35 12.89
CA ASP A 274 8.04 9.83 11.82
C ASP A 274 7.82 10.54 10.51
N GLY A 275 6.79 11.37 10.43
CA GLY A 275 6.52 12.13 9.23
C GLY A 275 5.73 11.37 8.16
N ASP A 276 5.03 10.30 8.56
CA ASP A 276 4.25 9.50 7.61
C ASP A 276 3.03 10.28 7.07
N THR A 277 2.53 9.88 5.91
CA THR A 277 1.23 10.35 5.45
C THR A 277 0.12 9.66 6.24
N VAL A 278 -0.75 10.46 6.88
CA VAL A 278 -1.91 9.91 7.57
C VAL A 278 -3.14 10.06 6.67
N HIS A 279 -3.71 8.93 6.26
CA HIS A 279 -4.86 8.92 5.36
C HIS A 279 -6.17 9.11 6.14
N ALA A 280 -6.17 8.62 7.37
CA ALA A 280 -7.33 8.74 8.26
C ALA A 280 -6.91 8.25 9.63
N VAL A 281 -7.75 8.47 10.65
CA VAL A 281 -7.47 8.03 12.01
C VAL A 281 -8.58 7.10 12.52
N ILE A 282 -8.19 5.91 12.98
CA ILE A 282 -9.09 4.98 13.63
C ILE A 282 -9.13 5.36 15.11
N LYS A 283 -10.32 5.78 15.56
CA LYS A 283 -10.53 6.27 16.91
C LYS A 283 -10.86 5.13 17.84
N GLY A 284 -11.46 4.08 17.29
CA GLY A 284 -11.87 2.95 18.10
C GLY A 284 -12.52 1.86 17.26
N THR A 285 -12.56 0.66 17.83
CA THR A 285 -13.12 -0.51 17.16
C THR A 285 -13.79 -1.39 18.20
N ALA A 286 -14.76 -2.19 17.78
CA ALA A 286 -15.40 -3.14 18.67
C ALA A 286 -15.81 -4.36 17.88
N VAL A 287 -15.75 -5.51 18.55
CA VAL A 287 -16.18 -6.78 17.99
C VAL A 287 -16.98 -7.52 19.05
N ASN A 288 -18.10 -8.12 18.65
CA ASN A 288 -18.87 -8.96 19.52
C ASN A 288 -19.46 -10.12 18.73
N ASN A 289 -20.24 -10.97 19.39
CA ASN A 289 -21.01 -11.98 18.69
C ASN A 289 -22.44 -11.94 19.19
N ASP A 290 -23.39 -12.27 18.31
CA ASP A 290 -24.81 -12.31 18.67
C ASP A 290 -25.12 -13.32 19.77
N GLY A 291 -24.32 -14.38 19.85
CA GLY A 291 -24.64 -15.45 20.77
C GLY A 291 -25.87 -16.18 20.30
N SER A 292 -26.66 -16.70 21.24
CA SER A 292 -27.73 -17.63 20.92
C SER A 292 -29.07 -16.96 20.65
N ASP A 293 -29.23 -15.72 21.10
CA ASP A 293 -30.58 -15.14 21.20
C ASP A 293 -31.03 -14.54 19.84
N LYS A 294 -31.38 -15.43 18.94
CA LYS A 294 -31.83 -15.05 17.60
C LYS A 294 -32.34 -16.35 16.95
N THR A 295 -33.04 -16.23 15.84
CA THR A 295 -33.86 -17.31 15.32
C THR A 295 -33.13 -18.39 14.54
N GLY A 296 -31.84 -18.20 14.29
CA GLY A 296 -31.08 -19.18 13.54
C GLY A 296 -29.64 -18.73 13.39
N TYR A 297 -28.75 -19.69 13.15
CA TYR A 297 -27.32 -19.42 12.98
C TYR A 297 -27.05 -18.30 11.97
N THR A 298 -27.79 -18.31 10.87
CA THR A 298 -27.57 -17.33 9.80
C THR A 298 -28.47 -16.08 9.92
N ALA A 299 -29.36 -16.04 10.91
CA ALA A 299 -30.27 -14.92 11.09
C ALA A 299 -29.53 -13.64 11.51
N PRO A 300 -30.14 -12.47 11.24
CA PRO A 300 -29.56 -11.21 11.74
C PRO A 300 -29.95 -10.96 13.19
N SER A 301 -29.36 -9.94 13.81
CA SER A 301 -29.66 -9.60 15.20
C SER A 301 -29.56 -8.10 15.47
N VAL A 302 -30.71 -7.47 15.73
CA VAL A 302 -30.73 -6.04 16.04
CA VAL A 302 -30.71 -6.04 16.04
C VAL A 302 -29.84 -5.74 17.25
N GLN A 303 -29.96 -6.57 18.28
CA GLN A 303 -29.26 -6.27 19.52
C GLN A 303 -27.77 -6.40 19.41
N GLY A 304 -27.29 -7.43 18.69
CA GLY A 304 -25.86 -7.61 18.50
C GLY A 304 -25.26 -6.44 17.74
N GLN A 305 -25.93 -6.04 16.67
CA GLN A 305 -25.48 -4.89 15.89
C GLN A 305 -25.50 -3.59 16.71
N ALA A 306 -26.61 -3.34 17.39
CA ALA A 306 -26.74 -2.11 18.17
C ALA A 306 -25.61 -2.04 19.21
N ALA A 307 -25.33 -3.15 19.86
CA ALA A 307 -24.30 -3.18 20.90
C ALA A 307 -22.91 -2.89 20.35
N VAL A 308 -22.57 -3.47 19.21
CA VAL A 308 -21.19 -3.29 18.76
C VAL A 308 -20.98 -1.83 18.29
N VAL A 309 -22.02 -1.22 17.75
CA VAL A 309 -21.90 0.18 17.32
C VAL A 309 -21.71 1.10 18.54
N ALA A 310 -22.54 0.91 19.55
CA ALA A 310 -22.42 1.68 20.77
C ALA A 310 -21.05 1.46 21.42
N GLU A 311 -20.60 0.21 21.44
CA GLU A 311 -19.33 -0.14 22.08
CA GLU A 311 -19.35 -0.11 22.12
C GLU A 311 -18.16 0.53 21.38
N ALA A 312 -18.21 0.57 20.06
CA ALA A 312 -17.15 1.23 19.29
C ALA A 312 -17.10 2.74 19.57
N GLN A 313 -18.27 3.38 19.62
CA GLN A 313 -18.32 4.80 19.89
C GLN A 313 -17.80 5.11 21.30
N GLU A 314 -18.17 4.28 22.27
CA GLU A 314 -17.75 4.49 23.65
C GLU A 314 -16.24 4.38 23.74
N ILE A 315 -15.68 3.37 23.09
CA ILE A 315 -14.24 3.13 23.12
C ILE A 315 -13.50 4.28 22.44
N ALA A 316 -14.08 4.79 21.37
CA ALA A 316 -13.48 5.91 20.63
C ALA A 316 -13.65 7.24 21.36
N ASP A 317 -14.49 7.25 22.39
CA ASP A 317 -14.89 8.50 23.08
C ASP A 317 -15.49 9.48 22.08
N VAL A 318 -16.36 8.95 21.22
CA VAL A 318 -17.01 9.71 20.16
C VAL A 318 -18.51 9.66 20.37
N GLY A 319 -19.13 10.82 20.51
CA GLY A 319 -20.56 10.89 20.72
C GLY A 319 -21.28 10.64 19.41
N PRO A 320 -22.42 9.94 19.45
CA PRO A 320 -23.12 9.60 18.21
C PRO A 320 -23.51 10.84 17.40
N GLU A 321 -23.75 11.96 18.08
CA GLU A 321 -24.15 13.18 17.41
C GLU A 321 -22.99 13.79 16.60
N THR A 322 -21.76 13.30 16.78
CA THR A 322 -20.60 13.83 16.05
C THR A 322 -20.23 12.98 14.83
N VAL A 323 -20.97 11.91 14.61
CA VAL A 323 -20.77 11.03 13.46
C VAL A 323 -21.67 11.51 12.33
N SER A 324 -21.11 11.75 11.13
CA SER A 324 -21.87 12.36 10.03
C SER A 324 -21.96 11.47 8.78
N TYR A 325 -21.33 10.31 8.83
CA TYR A 325 -21.49 9.29 7.79
C TYR A 325 -21.38 7.88 8.42
N VAL A 326 -22.26 6.97 8.03
CA VAL A 326 -22.08 5.56 8.36
C VAL A 326 -22.04 4.72 7.10
N GLU A 327 -21.01 3.90 7.00
CA GLU A 327 -20.89 2.91 5.96
C GLU A 327 -21.51 1.63 6.51
N ALA A 328 -22.72 1.35 6.05
CA ALA A 328 -23.50 0.20 6.47
C ALA A 328 -22.94 -1.09 5.91
N HIS A 329 -23.23 -2.19 6.60
CA HIS A 329 -22.97 -3.51 6.04
C HIS A 329 -23.74 -3.61 4.72
N GLY A 330 -25.02 -3.24 4.77
CA GLY A 330 -25.73 -2.79 3.58
C GLY A 330 -25.90 -3.77 2.44
N THR A 331 -26.48 -4.93 2.73
CA THR A 331 -26.60 -6.01 1.74
C THR A 331 -27.89 -6.00 0.93
N ALA A 332 -28.80 -5.07 1.26
CA ALA A 332 -30.04 -4.89 0.50
C ALA A 332 -31.03 -6.05 0.58
N THR A 333 -31.10 -6.73 1.72
CA THR A 333 -32.13 -7.75 1.90
C THR A 333 -33.35 -7.08 2.54
N PRO A 334 -34.56 -7.51 2.16
CA PRO A 334 -35.79 -6.95 2.73
C PRO A 334 -35.86 -7.06 4.26
N LEU A 335 -35.31 -8.13 4.82
CA LEU A 335 -35.31 -8.30 6.26
C LEU A 335 -34.17 -7.53 6.89
N GLY A 336 -32.99 -7.59 6.28
CA GLY A 336 -31.78 -7.09 6.88
C GLY A 336 -31.66 -5.58 6.91
N ASP A 337 -32.13 -4.90 5.87
CA ASP A 337 -32.01 -3.45 5.81
C ASP A 337 -32.74 -2.72 6.97
N PRO A 338 -34.03 -3.04 7.20
CA PRO A 338 -34.70 -2.38 8.34
C PRO A 338 -34.02 -2.69 9.67
N ILE A 339 -33.51 -3.90 9.80
CA ILE A 339 -32.82 -4.31 11.03
C ILE A 339 -31.55 -3.47 11.23
N GLU A 340 -30.78 -3.26 10.16
CA GLU A 340 -29.53 -2.53 10.32
C GLU A 340 -29.80 -1.10 10.79
N VAL A 341 -30.82 -0.47 10.22
CA VAL A 341 -31.15 0.90 10.57
C VAL A 341 -31.76 0.98 11.96
N ALA A 342 -32.57 -0.02 12.32
CA ALA A 342 -33.14 -0.08 13.67
C ALA A 342 -32.02 -0.18 14.70
N ALA A 343 -30.97 -0.93 14.38
CA ALA A 343 -29.85 -1.12 15.29
C ALA A 343 -29.05 0.16 15.43
N LEU A 344 -28.78 0.83 14.31
CA LEU A 344 -28.09 2.11 14.30
C LEU A 344 -28.89 3.19 15.06
N ASN A 345 -30.19 3.24 14.82
CA ASN A 345 -31.07 4.16 15.56
C ASN A 345 -30.92 3.92 17.07
N GLN A 346 -30.98 2.65 17.47
CA GLN A 346 -30.92 2.31 18.90
C GLN A 346 -29.57 2.75 19.46
N ALA A 347 -28.48 2.43 18.78
CA ALA A 347 -27.16 2.83 19.25
C ALA A 347 -27.02 4.35 19.31
N PHE A 348 -27.47 5.04 18.26
CA PHE A 348 -27.25 6.47 18.14
C PHE A 348 -28.12 7.25 19.14
N ASN A 349 -29.31 6.75 19.43
CA ASN A 349 -30.26 7.45 20.31
C ASN A 349 -30.14 7.05 21.78
N ARG A 350 -29.12 6.26 22.11
CA ARG A 350 -29.06 5.62 23.43
C ARG A 350 -28.92 6.60 24.59
N GLU A 351 -28.37 7.79 24.33
CA GLU A 351 -28.05 8.75 25.40
C GLU A 351 -29.16 9.79 25.59
N GLY A 352 -30.34 9.50 25.06
CA GLY A 352 -31.48 10.38 25.22
C GLY A 352 -32.59 10.07 24.24
N ALA A 353 -33.04 11.10 23.52
CA ALA A 353 -34.05 10.94 22.48
C ALA A 353 -33.42 11.07 21.11
N ALA A 354 -34.25 11.28 20.09
CA ALA A 354 -33.81 11.26 18.71
C ALA A 354 -32.81 12.38 18.39
N LEU A 355 -31.82 12.04 17.56
CA LEU A 355 -30.95 13.05 16.98
C LEU A 355 -31.70 13.73 15.84
N ALA A 356 -31.16 14.83 15.33
CA ALA A 356 -31.79 15.56 14.24
C ALA A 356 -31.99 14.67 13.00
N PRO A 357 -33.21 14.64 12.45
CA PRO A 357 -33.40 13.85 11.22
C PRO A 357 -32.59 14.39 10.04
N GLY A 358 -32.11 13.47 9.21
CA GLY A 358 -31.34 13.82 8.03
C GLY A 358 -29.97 14.37 8.33
N SER A 359 -29.42 14.08 9.52
CA SER A 359 -28.14 14.68 9.92
C SER A 359 -26.94 13.74 9.79
N CYS A 360 -27.17 12.46 9.51
CA CYS A 360 -26.06 11.52 9.25
C CYS A 360 -26.32 10.74 7.96
N ALA A 361 -25.40 10.86 7.01
CA ALA A 361 -25.50 10.13 5.77
C ALA A 361 -25.22 8.65 5.98
N LEU A 362 -25.88 7.83 5.17
CA LEU A 362 -25.80 6.39 5.23
C LEU A 362 -25.59 5.86 3.82
N GLY A 363 -24.71 4.88 3.65
CA GLY A 363 -24.44 4.34 2.34
C GLY A 363 -23.90 2.94 2.38
N SER A 364 -23.80 2.31 1.21
CA SER A 364 -23.19 0.97 1.11
C SER A 364 -22.40 0.80 -0.18
N VAL A 365 -21.11 0.50 -0.05
CA VAL A 365 -20.25 0.22 -1.20
C VAL A 365 -20.66 -1.09 -1.89
N LYS A 366 -21.45 -1.90 -1.22
CA LYS A 366 -21.97 -3.10 -1.89
C LYS A 366 -22.83 -2.70 -3.11
N THR A 367 -23.34 -1.47 -3.13
CA THR A 367 -24.14 -1.00 -4.28
C THR A 367 -23.25 -0.70 -5.49
N ASN A 368 -21.97 -0.43 -5.24
CA ASN A 368 -21.00 -0.23 -6.33
C ASN A 368 -20.43 -1.56 -6.81
N VAL A 369 -19.86 -2.34 -5.89
CA VAL A 369 -19.00 -3.47 -6.25
C VAL A 369 -19.53 -4.82 -5.81
N GLY A 370 -20.71 -4.85 -5.23
CA GLY A 370 -21.26 -6.07 -4.63
C GLY A 370 -20.66 -6.42 -3.28
N HIS A 371 -20.95 -7.63 -2.84
CA HIS A 371 -20.62 -8.15 -1.54
C HIS A 371 -19.32 -8.94 -1.64
N LEU A 372 -18.22 -8.35 -1.17
CA LEU A 372 -16.89 -8.99 -1.29
C LEU A 372 -16.60 -10.01 -0.21
N ASP A 373 -17.64 -10.42 0.51
CA ASP A 373 -17.52 -11.57 1.41
C ASP A 373 -16.42 -11.31 2.47
N THR A 374 -15.37 -12.12 2.53
CA THR A 374 -14.29 -11.91 3.49
CA THR A 374 -14.30 -11.89 3.52
C THR A 374 -13.71 -10.50 3.41
N ALA A 375 -13.69 -9.95 2.20
CA ALA A 375 -13.11 -8.62 1.95
C ALA A 375 -14.11 -7.48 1.98
N ALA A 376 -15.34 -7.75 2.37
CA ALA A 376 -16.39 -6.73 2.29
C ALA A 376 -16.04 -5.53 3.16
N GLY A 377 -15.51 -5.80 4.34
CA GLY A 377 -15.14 -4.75 5.26
C GLY A 377 -14.00 -3.88 4.75
N MSE A 378 -13.12 -4.46 3.93
CA MSE A 378 -12.05 -3.65 3.33
C MSE A 378 -12.63 -2.67 2.33
O MSE A 378 -12.25 -1.51 2.29
CB MSE A 378 -11.00 -4.53 2.62
CG MSE A 378 -9.90 -5.12 3.51
SE MSE A 378 -8.83 -3.76 4.41
CE MSE A 378 -9.62 -4.22 6.03
H MSE A 378 -13.11 -5.29 3.71
HA MSE A 378 -11.59 -3.16 4.04
HB2 MSE A 378 -11.46 -5.28 2.20
HB3 MSE A 378 -10.56 -4.00 1.93
HG2 MSE A 378 -10.30 -5.68 4.19
HG3 MSE A 378 -9.30 -5.65 2.97
HE1 MSE A 378 -9.25 -3.65 6.73
HE2 MSE A 378 -10.57 -4.08 5.96
HE3 MSE A 378 -9.43 -5.15 6.22
N ALA A 379 -13.56 -3.13 1.50
CA ALA A 379 -14.19 -2.26 0.54
C ALA A 379 -14.92 -1.12 1.28
N GLY A 380 -15.57 -1.44 2.38
CA GLY A 380 -16.30 -0.44 3.16
C GLY A 380 -15.37 0.55 3.89
N LEU A 381 -14.32 0.05 4.52
CA LEU A 381 -13.39 0.89 5.26
C LEU A 381 -12.59 1.79 4.32
N ILE A 382 -12.11 1.22 3.22
CA ILE A 382 -11.30 1.99 2.31
C ILE A 382 -12.14 3.05 1.61
N LYS A 383 -13.41 2.77 1.29
CA LYS A 383 -14.27 3.81 0.73
C LYS A 383 -14.36 4.95 1.72
N THR A 384 -14.53 4.63 3.00
CA THR A 384 -14.76 5.63 4.03
C THR A 384 -13.49 6.43 4.25
N ILE A 385 -12.34 5.78 4.20
CA ILE A 385 -11.06 6.47 4.32
C ILE A 385 -10.88 7.48 3.18
N LEU A 386 -11.20 7.10 1.95
CA LEU A 386 -11.03 7.99 0.81
C LEU A 386 -11.98 9.19 0.88
N MSE A 387 -13.22 8.96 1.30
CA MSE A 387 -14.20 10.03 1.46
C MSE A 387 -13.68 11.07 2.44
O MSE A 387 -13.81 12.27 2.20
CB MSE A 387 -15.54 9.49 1.99
CG MSE A 387 -16.32 8.67 1.01
SE MSE A 387 -17.81 7.78 1.94
CE MSE A 387 -18.81 9.34 2.50
H MSE A 387 -13.53 8.17 1.48
HA MSE A 387 -14.36 10.45 0.61
HB2 MSE A 387 -15.37 8.94 2.76
HB3 MSE A 387 -16.09 10.24 2.24
HG2 MSE A 387 -16.69 9.24 0.31
HG3 MSE A 387 -15.75 7.98 0.62
HE1 MSE A 387 -19.60 9.05 2.99
HE2 MSE A 387 -18.25 9.88 3.07
HE3 MSE A 387 -19.07 9.84 1.71
N LEU A 388 -13.11 10.59 3.55
CA LEU A 388 -12.62 11.44 4.63
C LEU A 388 -11.39 12.24 4.19
N ARG A 389 -10.48 11.56 3.49
CA ARG A 389 -9.28 12.21 3.02
C ARG A 389 -9.64 13.28 1.98
N HIS A 390 -10.64 13.00 1.15
CA HIS A 390 -11.07 13.94 0.13
C HIS A 390 -12.12 14.95 0.64
N ARG A 391 -12.58 14.79 1.88
CA ARG A 391 -13.67 15.62 2.44
C ARG A 391 -14.82 15.71 1.44
N THR A 392 -15.20 14.55 0.94
CA THR A 392 -16.19 14.42 -0.10
C THR A 392 -17.12 13.24 0.17
N LEU A 393 -18.42 13.50 0.21
CA LEU A 393 -19.41 12.44 0.28
C LEU A 393 -19.63 11.91 -1.12
N VAL A 394 -19.97 10.62 -1.24
CA VAL A 394 -20.26 10.00 -2.52
C VAL A 394 -21.60 9.24 -2.47
N PRO A 395 -22.18 8.94 -3.64
CA PRO A 395 -23.50 8.30 -3.68
C PRO A 395 -23.49 6.86 -3.21
N SER A 396 -24.61 6.47 -2.61
CA SER A 396 -25.00 5.08 -2.47
C SER A 396 -25.93 4.81 -3.64
N LEU A 397 -25.68 3.74 -4.42
CA LEU A 397 -26.33 3.58 -5.71
C LEU A 397 -27.64 2.78 -5.65
N CYS A 398 -28.40 2.87 -6.74
CA CYS A 398 -29.67 2.12 -6.89
C CYS A 398 -30.68 2.48 -5.80
N PHE A 399 -30.59 3.72 -5.30
CA PHE A 399 -31.56 4.21 -4.32
C PHE A 399 -32.52 5.21 -4.95
N GLU A 400 -33.80 4.82 -5.05
CA GLU A 400 -34.81 5.64 -5.72
C GLU A 400 -35.89 6.07 -4.75
N ALA A 401 -36.25 5.16 -3.85
CA ALA A 401 -37.26 5.44 -2.83
C ALA A 401 -36.98 4.56 -1.63
N PRO A 402 -37.09 5.13 -0.41
CA PRO A 402 -36.79 4.36 0.80
C PRO A 402 -37.73 3.19 1.01
N ASN A 403 -37.17 2.08 1.42
CA ASN A 403 -37.95 0.95 1.87
C ASN A 403 -38.91 1.42 2.97
N PRO A 404 -40.23 1.25 2.76
CA PRO A 404 -41.23 1.69 3.75
C PRO A 404 -41.03 1.11 5.14
N GLU A 405 -40.47 -0.10 5.21
CA GLU A 405 -40.27 -0.78 6.48
C GLU A 405 -39.06 -0.26 7.28
N ILE A 406 -38.22 0.57 6.66
CA ILE A 406 -37.08 1.14 7.38
C ILE A 406 -37.52 2.38 8.14
N ASP A 407 -37.25 2.42 9.44
CA ASP A 407 -37.68 3.54 10.26
C ASP A 407 -36.65 4.70 10.30
N PHE A 408 -36.46 5.37 9.16
CA PHE A 408 -35.51 6.48 9.10
C PHE A 408 -35.91 7.60 10.05
N ALA A 409 -37.21 7.87 10.13
CA ALA A 409 -37.70 8.99 10.91
C ALA A 409 -37.38 8.86 12.40
N ALA A 410 -37.10 7.65 12.85
CA ALA A 410 -36.78 7.42 14.26
C ALA A 410 -35.35 7.83 14.62
N GLY A 411 -34.58 8.24 13.61
CA GLY A 411 -33.17 8.53 13.83
C GLY A 411 -32.63 9.58 12.87
N PRO A 412 -31.30 9.74 12.86
CA PRO A 412 -30.64 10.79 12.09
C PRO A 412 -30.31 10.44 10.63
N PHE A 413 -30.60 9.21 10.21
CA PHE A 413 -30.04 8.71 8.95
C PHE A 413 -30.86 9.07 7.72
N TYR A 414 -30.13 9.22 6.62
CA TYR A 414 -30.71 9.40 5.30
C TYR A 414 -29.68 8.83 4.32
N VAL A 415 -30.16 8.31 3.19
CA VAL A 415 -29.27 7.74 2.20
C VAL A 415 -28.74 8.83 1.26
N GLY A 416 -27.45 9.12 1.34
CA GLY A 416 -26.85 10.11 0.46
C GLY A 416 -26.68 9.58 -0.95
N THR A 417 -27.11 10.36 -1.94
CA THR A 417 -27.05 9.94 -3.33
C THR A 417 -26.28 10.94 -4.21
N GLU A 418 -25.44 11.77 -3.60
CA GLU A 418 -24.73 12.82 -4.35
C GLU A 418 -23.26 12.84 -4.03
N THR A 419 -22.45 13.16 -5.03
CA THR A 419 -21.08 13.49 -4.78
C THR A 419 -21.01 14.97 -4.45
N LYS A 420 -20.56 15.30 -3.25
CA LYS A 420 -20.51 16.69 -2.84
C LYS A 420 -19.58 16.88 -1.65
N GLU A 421 -19.27 18.13 -1.37
CA GLU A 421 -18.40 18.43 -0.24
C GLU A 421 -19.02 17.86 1.03
N TRP A 422 -18.17 17.30 1.85
CA TRP A 422 -18.55 16.79 3.16
C TRP A 422 -18.55 18.00 4.09
N PRO A 423 -19.73 18.45 4.55
CA PRO A 423 -19.75 19.71 5.31
C PRO A 423 -18.92 19.62 6.58
N ALA A 424 -18.24 20.72 6.91
CA ALA A 424 -17.53 20.82 8.17
C ALA A 424 -18.53 20.83 9.34
N GLY A 425 -18.08 20.39 10.50
CA GLY A 425 -18.90 20.36 11.70
C GLY A 425 -18.16 20.92 12.90
N PRO A 426 -18.78 20.85 14.09
CA PRO A 426 -18.14 21.27 15.34
C PRO A 426 -16.98 20.38 15.77
N THR A 427 -16.90 19.16 15.23
CA THR A 427 -15.75 18.30 15.42
C THR A 427 -15.17 17.94 14.05
N PRO A 428 -13.96 17.35 14.04
CA PRO A 428 -13.47 16.79 12.78
C PRO A 428 -14.46 15.80 12.22
N ARG A 429 -14.47 15.60 10.90
CA ARG A 429 -15.39 14.68 10.29
C ARG A 429 -15.17 13.25 10.80
N ARG A 430 -16.26 12.59 11.22
CA ARG A 430 -16.18 11.24 11.74
C ARG A 430 -17.20 10.34 11.07
N ALA A 431 -16.79 9.09 10.87
CA ALA A 431 -17.63 8.08 10.27
C ALA A 431 -17.62 6.79 11.06
N GLY A 432 -18.68 6.00 10.86
CA GLY A 432 -18.69 4.63 11.31
C GLY A 432 -18.67 3.66 10.13
N VAL A 433 -18.06 2.51 10.34
CA VAL A 433 -18.01 1.45 9.35
C VAL A 433 -18.43 0.14 10.00
N SER A 434 -19.49 -0.48 9.47
CA SER A 434 -20.00 -1.73 10.01
C SER A 434 -19.72 -2.93 9.11
N SER A 435 -19.54 -4.08 9.73
CA SER A 435 -19.48 -5.34 9.01
C SER A 435 -19.99 -6.47 9.89
N PHE A 436 -21.02 -7.18 9.43
CA PHE A 436 -21.66 -8.25 10.20
C PHE A 436 -21.59 -9.58 9.48
N GLY A 437 -20.98 -10.58 10.12
CA GLY A 437 -20.75 -11.86 9.48
C GLY A 437 -21.83 -12.92 9.67
N ILE A 438 -21.93 -13.83 8.71
CA ILE A 438 -22.62 -15.09 8.93
C ILE A 438 -21.93 -15.77 10.11
N GLY A 439 -22.72 -16.21 11.08
CA GLY A 439 -22.19 -16.79 12.31
C GLY A 439 -22.21 -15.80 13.45
N GLY A 440 -22.51 -14.54 13.11
CA GLY A 440 -22.90 -13.56 14.09
C GLY A 440 -21.79 -12.75 14.74
N THR A 441 -20.57 -12.79 14.21
CA THR A 441 -19.53 -11.92 14.75
C THR A 441 -19.63 -10.57 14.05
N ASN A 442 -19.85 -9.54 14.85
CA ASN A 442 -20.08 -8.17 14.39
C ASN A 442 -18.91 -7.28 14.69
N ALA A 443 -18.65 -6.33 13.80
CA ALA A 443 -17.58 -5.36 13.99
C ALA A 443 -18.03 -3.98 13.57
N HIS A 444 -17.53 -2.96 14.26
CA HIS A 444 -17.77 -1.57 13.90
C HIS A 444 -16.51 -0.77 14.23
N VAL A 445 -16.13 0.09 13.30
CA VAL A 445 -14.90 0.88 13.39
C VAL A 445 -15.24 2.37 13.25
N ILE A 446 -14.65 3.19 14.12
CA ILE A 446 -14.86 4.64 14.07
C ILE A 446 -13.63 5.26 13.43
N VAL A 447 -13.86 6.02 12.38
CA VAL A 447 -12.79 6.63 11.60
C VAL A 447 -12.97 8.14 11.55
N GLU A 448 -11.87 8.88 11.71
CA GLU A 448 -11.87 10.33 11.64
C GLU A 448 -10.94 10.83 10.52
N GLU A 449 -11.27 12.02 9.99
CA GLU A 449 -10.43 12.60 8.96
C GLU A 449 -9.05 12.87 9.55
N PRO A 450 -8.02 12.86 8.71
CA PRO A 450 -6.68 13.05 9.25
C PRO A 450 -6.44 14.48 9.71
N PRO A 451 -5.49 14.69 10.61
CA PRO A 451 -5.18 16.05 11.04
C PRO A 451 -4.52 16.85 9.91
N ALA A 452 -4.64 18.18 9.98
CA ALA A 452 -4.06 19.06 8.97
C ALA A 452 -2.54 18.86 8.87
N VAL A 453 -2.01 19.01 7.67
CA VAL A 453 -0.58 18.88 7.45
C VAL A 453 0.11 20.26 7.56
N ALA A 462 15.80 22.92 -0.62
CA ALA A 462 15.49 23.66 -1.84
C ALA A 462 16.45 23.30 -3.00
N GLY A 463 17.28 22.28 -2.79
CA GLY A 463 18.31 21.92 -3.75
C GLY A 463 17.95 20.71 -4.62
N PRO A 464 18.94 20.21 -5.38
CA PRO A 464 18.69 19.02 -6.22
C PRO A 464 18.54 17.75 -5.38
N ARG A 465 17.99 16.71 -5.99
CA ARG A 465 17.75 15.44 -5.31
C ARG A 465 18.05 14.31 -6.25
N LEU A 466 18.45 13.19 -5.67
CA LEU A 466 18.68 11.97 -6.41
C LEU A 466 17.45 11.08 -6.30
N LEU A 467 16.81 10.80 -7.43
CA LEU A 467 15.68 9.86 -7.49
C LEU A 467 16.17 8.49 -7.91
N VAL A 468 15.84 7.46 -7.14
CA VAL A 468 16.28 6.11 -7.47
C VAL A 468 15.06 5.18 -7.69
N LEU A 469 15.17 4.34 -8.71
CA LEU A 469 14.12 3.37 -9.05
C LEU A 469 14.78 2.03 -9.25
N SER A 470 14.10 0.96 -8.84
CA SER A 470 14.60 -0.38 -9.12
C SER A 470 13.45 -1.36 -9.28
N ALA A 471 13.67 -2.35 -10.13
CA ALA A 471 12.67 -3.36 -10.43
C ALA A 471 13.38 -4.68 -10.69
N ASN A 472 12.60 -5.75 -10.78
CA ASN A 472 13.16 -7.09 -10.90
C ASN A 472 13.35 -7.50 -12.37
N THR A 473 12.87 -6.66 -13.29
CA THR A 473 13.07 -6.85 -14.72
C THR A 473 13.20 -5.49 -15.41
N PRO A 474 13.85 -5.45 -16.58
CA PRO A 474 13.93 -4.21 -17.35
C PRO A 474 12.58 -3.63 -17.71
N ALA A 475 11.67 -4.52 -18.10
CA ALA A 475 10.33 -4.11 -18.48
C ALA A 475 9.63 -3.43 -17.32
N ALA A 476 9.76 -4.03 -16.13
CA ALA A 476 9.16 -3.45 -14.92
C ALA A 476 9.78 -2.08 -14.60
N LEU A 477 11.10 -1.98 -14.78
CA LEU A 477 11.81 -0.72 -14.52
C LEU A 477 11.31 0.39 -15.45
N ASP A 478 11.16 0.07 -16.73
CA ASP A 478 10.62 1.05 -17.69
C ASP A 478 9.20 1.47 -17.31
N THR A 479 8.34 0.52 -16.96
CA THR A 479 6.98 0.84 -16.58
C THR A 479 6.97 1.70 -15.33
N ALA A 480 7.77 1.32 -14.35
CA ALA A 480 7.84 2.09 -13.10
C ALA A 480 8.32 3.52 -13.36
N THR A 481 9.29 3.66 -14.27
CA THR A 481 9.78 4.98 -14.68
C THR A 481 8.66 5.82 -15.32
N ALA A 482 7.93 5.22 -16.26
CA ALA A 482 6.80 5.91 -16.88
C ALA A 482 5.73 6.28 -15.84
N ASP A 483 5.40 5.34 -14.94
CA ASP A 483 4.44 5.60 -13.88
C ASP A 483 4.85 6.78 -13.00
N LEU A 484 6.12 6.81 -12.59
CA LEU A 484 6.59 7.89 -11.71
C LEU A 484 6.54 9.21 -12.47
N ALA A 485 6.99 9.18 -13.72
CA ALA A 485 6.94 10.36 -14.59
C ALA A 485 5.53 10.92 -14.63
N ARG A 486 4.58 10.03 -14.89
CA ARG A 486 3.17 10.39 -14.98
C ARG A 486 2.70 10.96 -13.66
N ALA A 487 3.02 10.31 -12.55
CA ALA A 487 2.56 10.79 -11.25
C ALA A 487 3.17 12.17 -10.95
N LEU A 488 4.39 12.38 -11.40
CA LEU A 488 5.07 13.63 -11.11
C LEU A 488 4.44 14.78 -11.91
N ARG A 489 4.11 14.53 -13.19
CA ARG A 489 3.37 15.53 -14.00
C ARG A 489 2.06 15.95 -13.36
N LYS A 490 1.35 14.99 -12.77
CA LYS A 490 -0.03 15.18 -12.34
C LYS A 490 -0.18 15.76 -10.94
N ASP A 491 0.93 15.91 -10.22
CA ASP A 491 0.90 16.66 -8.96
C ASP A 491 2.18 17.48 -8.82
N ARG A 492 2.07 18.79 -9.08
CA ARG A 492 3.22 19.69 -8.99
C ARG A 492 3.52 20.06 -7.54
N ASP A 493 2.51 19.94 -6.68
CA ASP A 493 2.63 20.29 -5.27
C ASP A 493 3.52 19.31 -4.48
N LEU A 494 3.79 18.14 -5.06
CA LEU A 494 4.67 17.17 -4.42
C LEU A 494 6.01 17.83 -4.12
N ASP A 495 6.54 17.55 -2.93
CA ASP A 495 7.88 18.01 -2.56
C ASP A 495 8.92 17.03 -3.12
N LEU A 496 9.85 17.51 -3.93
CA LEU A 496 10.88 16.64 -4.51
C LEU A 496 11.62 15.83 -3.44
N SER A 497 11.84 16.47 -2.29
CA SER A 497 12.48 15.83 -1.14
C SER A 497 11.75 14.57 -0.73
N ALA A 498 10.44 14.71 -0.54
CA ALA A 498 9.61 13.60 -0.09
C ALA A 498 9.60 12.48 -1.12
N VAL A 499 9.59 12.86 -2.40
CA VAL A 499 9.61 11.88 -3.48
C VAL A 499 10.93 11.10 -3.40
N ALA A 500 12.04 11.81 -3.24
CA ALA A 500 13.36 11.19 -3.19
C ALA A 500 13.48 10.27 -1.99
N GLN A 501 13.02 10.74 -0.83
CA GLN A 501 13.11 9.96 0.40
C GLN A 501 12.26 8.70 0.32
N THR A 502 11.03 8.86 -0.15
CA THR A 502 10.12 7.73 -0.23
C THR A 502 10.69 6.65 -1.16
N LEU A 503 11.24 7.09 -2.28
CA LEU A 503 11.79 6.16 -3.26
C LEU A 503 13.02 5.42 -2.72
N ALA A 504 13.85 6.12 -1.94
CA ALA A 504 15.10 5.58 -1.44
C ALA A 504 14.88 4.65 -0.25
N LEU A 505 13.92 5.01 0.61
CA LEU A 505 13.71 4.32 1.87
C LEU A 505 12.53 3.36 1.83
N GLY A 506 11.63 3.55 0.88
CA GLY A 506 10.32 2.92 0.92
C GLY A 506 10.02 2.00 -0.23
N ARG A 507 11.07 1.57 -0.93
CA ARG A 507 10.92 0.70 -2.09
C ARG A 507 11.91 -0.46 -2.00
N ARG A 508 11.49 -1.66 -2.38
CA ARG A 508 12.40 -2.81 -2.32
C ARG A 508 13.64 -2.54 -3.19
N VAL A 509 14.80 -2.95 -2.70
CA VAL A 509 16.07 -2.76 -3.44
C VAL A 509 16.22 -3.91 -4.41
N LEU A 510 16.11 -3.63 -5.70
CA LEU A 510 16.06 -4.68 -6.71
C LEU A 510 17.18 -4.47 -7.75
N PRO A 511 17.41 -5.48 -8.63
CA PRO A 511 18.65 -5.52 -9.43
C PRO A 511 18.72 -4.60 -10.65
N TYR A 512 17.62 -4.36 -11.34
CA TYR A 512 17.63 -3.44 -12.48
C TYR A 512 17.34 -2.05 -11.96
N ARG A 513 18.31 -1.16 -12.10
CA ARG A 513 18.28 0.11 -11.41
C ARG A 513 18.36 1.32 -12.33
N ARG A 514 17.81 2.43 -11.83
CA ARG A 514 17.80 3.68 -12.58
C ARG A 514 17.88 4.83 -11.61
N ALA A 515 18.54 5.90 -12.03
CA ALA A 515 18.64 7.08 -11.17
C ALA A 515 18.79 8.36 -11.96
N LEU A 516 18.39 9.44 -11.32
CA LEU A 516 18.32 10.74 -11.97
C LEU A 516 18.51 11.82 -10.94
N VAL A 517 19.41 12.77 -11.21
CA VAL A 517 19.52 13.95 -10.37
C VAL A 517 18.58 15.02 -10.94
N ALA A 518 17.67 15.52 -10.11
CA ALA A 518 16.68 16.47 -10.60
C ALA A 518 16.64 17.69 -9.72
N THR A 519 16.23 18.80 -10.32
CA THR A 519 16.18 20.08 -9.62
C THR A 519 14.76 20.39 -9.12
N GLY A 520 13.77 19.67 -9.65
CA GLY A 520 12.41 19.80 -9.16
C GLY A 520 11.49 18.78 -9.79
N VAL A 521 10.23 18.84 -9.43
CA VAL A 521 9.26 17.83 -9.88
C VAL A 521 9.03 17.90 -11.40
N ARG A 522 8.77 19.09 -11.93
CA ARG A 522 8.56 19.23 -13.36
C ARG A 522 9.78 18.69 -14.12
N ASP A 523 10.96 19.16 -13.72
CA ASP A 523 12.22 18.72 -14.29
C ASP A 523 12.34 17.20 -14.31
N ALA A 524 12.06 16.60 -13.17
CA ALA A 524 12.14 15.15 -13.02
C ALA A 524 11.18 14.48 -13.98
N ALA A 525 9.96 15.00 -14.04
CA ALA A 525 8.91 14.36 -14.84
C ALA A 525 9.37 14.25 -16.29
N LEU A 526 9.95 15.32 -16.78
CA LEU A 526 10.34 15.38 -18.17
C LEU A 526 11.53 14.47 -18.44
N ALA A 527 12.58 14.62 -17.62
CA ALA A 527 13.78 13.80 -17.74
C ALA A 527 13.45 12.32 -17.73
N LEU A 528 12.58 11.90 -16.80
CA LEU A 528 12.19 10.49 -16.69
C LEU A 528 11.42 10.02 -17.93
N ALA A 529 10.58 10.88 -18.48
CA ALA A 529 9.83 10.52 -19.67
C ALA A 529 10.74 10.37 -20.90
N LEU A 530 11.75 11.24 -21.01
CA LEU A 530 12.63 11.24 -22.18
C LEU A 530 13.61 10.06 -22.21
N GLY A 531 14.12 9.68 -21.04
CA GLY A 531 15.00 8.53 -20.95
C GLY A 531 16.35 8.77 -21.60
N ASP A 532 16.78 10.03 -21.57
CA ASP A 532 18.02 10.46 -22.21
C ASP A 532 19.25 10.22 -21.32
N ALA A 533 20.13 9.34 -21.76
CA ALA A 533 21.23 8.83 -20.92
C ALA A 533 22.12 9.94 -20.37
N GLY A 534 22.04 11.13 -20.94
CA GLY A 534 22.82 12.25 -20.46
C GLY A 534 22.51 12.58 -19.01
N ARG A 535 21.29 12.26 -18.58
CA ARG A 535 20.83 12.59 -17.24
C ARG A 535 20.34 11.35 -16.50
N VAL A 536 19.63 10.48 -17.22
CA VAL A 536 19.05 9.28 -16.65
C VAL A 536 20.07 8.14 -16.73
N MSE A 537 20.44 7.63 -15.56
CA MSE A 537 21.42 6.57 -15.46
C MSE A 537 20.70 5.26 -15.25
O MSE A 537 19.81 5.16 -14.40
CB MSE A 537 22.37 6.83 -14.28
CG MSE A 537 23.04 8.22 -14.35
SE MSE A 537 24.02 8.70 -12.72
CE MSE A 537 22.57 9.51 -11.72
H MSE A 537 20.12 7.88 -14.81
HA MSE A 537 21.95 6.52 -16.27
HB2 MSE A 537 21.87 6.79 -13.45
HB3 MSE A 537 23.07 6.16 -14.28
HG2 MSE A 537 23.67 8.22 -15.08
HG3 MSE A 537 22.37 8.89 -14.49
HE1 MSE A 537 22.91 9.81 -10.86
HE2 MSE A 537 22.22 10.27 -12.22
HE3 MSE A 537 21.87 8.85 -11.59
N THR A 538 21.07 4.25 -16.03
CA THR A 538 20.47 2.92 -15.92
C THR A 538 21.55 1.87 -15.90
N ALA A 539 21.42 0.88 -15.02
CA ALA A 539 22.36 -0.22 -14.95
C ALA A 539 21.69 -1.41 -14.32
N GLY A 540 22.25 -2.58 -14.55
CA GLY A 540 21.69 -3.81 -14.04
C GLY A 540 22.74 -4.75 -13.51
N PRO A 541 22.34 -5.97 -13.15
CA PRO A 541 23.25 -6.96 -12.56
C PRO A 541 24.38 -7.37 -13.50
N ALA A 542 24.21 -7.12 -14.79
CA ALA A 542 25.21 -7.48 -15.78
C ALA A 542 26.41 -6.53 -15.72
N ASP A 543 26.11 -5.24 -15.51
CA ASP A 543 27.15 -4.23 -15.48
C ASP A 543 28.12 -4.48 -14.33
N GLU A 544 29.36 -4.04 -14.52
CA GLU A 544 30.42 -4.35 -13.57
C GLU A 544 30.34 -3.46 -12.34
N ARG A 545 30.62 -4.04 -11.17
CA ARG A 545 30.75 -3.24 -9.95
C ARG A 545 31.88 -2.23 -10.14
N PRO A 546 31.62 -0.95 -9.84
CA PRO A 546 32.59 0.06 -10.24
C PRO A 546 33.58 0.40 -9.14
N VAL A 547 34.64 1.11 -9.50
CA VAL A 547 35.60 1.64 -8.55
C VAL A 547 35.54 3.15 -8.64
N VAL A 548 35.91 3.84 -7.57
CA VAL A 548 36.08 5.29 -7.64
C VAL A 548 37.55 5.58 -7.84
N GLU A 549 37.84 6.50 -8.75
CA GLU A 549 39.21 6.81 -9.12
C GLU A 549 39.61 8.16 -8.58
N LEU A 550 40.68 8.16 -7.81
CA LEU A 550 41.27 9.39 -7.32
C LEU A 550 42.36 9.78 -8.31
N VAL A 551 42.07 10.80 -9.11
CA VAL A 551 42.94 11.16 -10.23
C VAL A 551 43.85 12.31 -9.87
N THR A 552 44.86 12.52 -10.72
CA THR A 552 45.57 13.78 -10.74
C THR A 552 44.73 14.76 -11.55
N GLY A 553 45.12 16.02 -11.53
CA GLY A 553 44.34 17.06 -12.17
C GLY A 553 44.39 18.25 -11.26
N GLY A 554 44.12 19.43 -11.82
CA GLY A 554 44.14 20.63 -11.03
C GLY A 554 43.05 20.60 -9.96
N GLY A 555 43.20 21.48 -8.99
CA GLY A 555 42.16 21.69 -8.00
C GLY A 555 40.88 22.18 -8.67
N THR A 556 39.81 22.19 -7.89
CA THR A 556 38.51 22.61 -8.39
C THR A 556 37.85 23.50 -7.34
N PRO A 557 38.32 24.76 -7.22
CA PRO A 557 37.97 25.58 -6.05
C PRO A 557 36.48 25.88 -5.93
N GLU A 558 35.82 26.18 -7.04
CA GLU A 558 34.38 26.41 -7.02
C GLU A 558 33.63 25.16 -6.56
N HIS A 559 34.04 24.01 -7.09
CA HIS A 559 33.42 22.75 -6.72
C HIS A 559 33.67 22.42 -5.26
N ALA A 560 34.92 22.62 -4.82
CA ALA A 560 35.29 22.33 -3.43
C ALA A 560 34.49 23.19 -2.48
N ALA A 561 34.40 24.48 -2.77
CA ALA A 561 33.68 25.42 -1.90
C ALA A 561 32.20 25.10 -1.82
N ALA A 562 31.61 24.67 -2.93
CA ALA A 562 30.20 24.29 -2.96
C ALA A 562 29.89 23.06 -2.09
N LEU A 563 30.68 22.01 -2.25
CA LEU A 563 30.49 20.83 -1.42
C LEU A 563 30.70 21.15 0.05
N TYR A 564 31.69 22.00 0.34
CA TYR A 564 32.02 22.36 1.70
C TYR A 564 30.84 23.07 2.35
N GLU A 565 30.23 23.99 1.59
CA GLU A 565 29.07 24.73 2.08
C GLU A 565 27.83 23.85 2.18
N GLU A 566 27.64 22.97 1.21
CA GLU A 566 26.35 22.30 1.03
C GLU A 566 26.24 20.91 1.66
N ALA A 567 27.37 20.23 1.81
CA ALA A 567 27.36 18.85 2.30
C ALA A 567 28.12 18.69 3.63
N ALA A 568 27.36 18.47 4.70
CA ALA A 568 27.92 18.36 6.05
C ALA A 568 28.94 17.24 6.15
N ALA A 569 28.66 16.12 5.50
CA ALA A 569 29.55 14.96 5.56
C ALA A 569 30.88 15.28 4.88
N PHE A 570 30.82 16.03 3.79
CA PHE A 570 32.03 16.44 3.09
C PHE A 570 32.84 17.35 3.98
N ARG A 571 32.17 18.35 4.55
CA ARG A 571 32.80 19.36 5.38
C ARG A 571 33.57 18.70 6.52
N GLU A 572 32.96 17.71 7.17
CA GLU A 572 33.62 16.97 8.24
C GLU A 572 34.95 16.37 7.79
N HIS A 573 34.90 15.54 6.75
CA HIS A 573 36.11 14.83 6.30
C HIS A 573 37.13 15.75 5.65
N PHE A 574 36.68 16.85 5.05
CA PHE A 574 37.62 17.80 4.47
C PHE A 574 38.40 18.50 5.57
N ASP A 575 37.70 18.91 6.63
CA ASP A 575 38.36 19.54 7.77
C ASP A 575 39.43 18.62 8.35
N ARG A 576 39.06 17.36 8.55
CA ARG A 576 39.99 16.41 9.15
C ARG A 576 41.15 16.10 8.19
N CYS A 577 40.87 16.06 6.90
CA CYS A 577 41.93 15.85 5.92
C CYS A 577 42.90 17.03 5.88
N ALA A 578 42.39 18.25 6.02
CA ALA A 578 43.24 19.43 6.01
C ALA A 578 44.14 19.45 7.26
N ALA A 579 43.62 18.91 8.35
CA ALA A 579 44.40 18.78 9.59
C ALA A 579 45.62 17.90 9.35
N GLU A 580 45.39 16.74 8.74
CA GLU A 580 46.46 15.79 8.45
C GLU A 580 47.51 16.37 7.52
N LEU A 581 47.09 17.16 6.55
CA LEU A 581 47.99 17.71 5.55
C LEU A 581 48.78 18.90 6.08
N GLY A 582 48.33 19.45 7.20
CA GLY A 582 48.99 20.59 7.80
C GLY A 582 48.63 21.93 7.18
N THR A 583 47.54 21.99 6.43
CA THR A 583 47.12 23.22 5.76
C THR A 583 45.72 23.65 6.18
N PRO A 584 45.50 24.96 6.36
CA PRO A 584 44.14 25.39 6.70
C PRO A 584 43.12 25.02 5.62
N ALA A 585 41.92 24.64 6.03
CA ALA A 585 40.87 24.25 5.10
C ALA A 585 40.57 25.34 4.09
N ALA A 586 40.49 26.58 4.55
CA ALA A 586 40.22 27.73 3.67
C ALA A 586 41.26 27.84 2.57
N GLU A 587 42.51 27.50 2.89
CA GLU A 587 43.59 27.52 1.91
C GLU A 587 43.38 26.45 0.85
N LEU A 588 43.10 25.22 1.30
CA LEU A 588 42.89 24.11 0.35
C LEU A 588 41.66 24.32 -0.53
N LEU A 589 40.58 24.87 0.02
CA LEU A 589 39.35 25.10 -0.73
C LEU A 589 39.55 26.10 -1.86
N ARG A 590 40.54 26.97 -1.70
CA ARG A 590 40.87 27.99 -2.69
C ARG A 590 41.92 27.47 -3.65
N GLY A 591 42.53 26.34 -3.30
CA GLY A 591 43.73 25.90 -4.00
C GLY A 591 43.50 25.23 -5.33
N HIS A 592 44.53 25.30 -6.18
CA HIS A 592 44.53 24.64 -7.48
C HIS A 592 45.55 23.52 -7.56
N GLY A 593 46.38 23.40 -6.52
CA GLY A 593 47.49 22.46 -6.52
C GLY A 593 47.05 21.04 -6.26
N PRO A 594 48.02 20.10 -6.25
CA PRO A 594 47.79 18.67 -6.02
C PRO A 594 47.28 18.35 -4.61
N ASP A 595 47.67 19.16 -3.63
CA ASP A 595 47.19 18.98 -2.26
C ASP A 595 45.68 19.25 -2.21
N ALA A 596 45.25 20.29 -2.93
CA ALA A 596 43.86 20.68 -2.95
C ALA A 596 43.02 19.65 -3.71
N ALA A 597 43.54 19.17 -4.83
CA ALA A 597 42.82 18.18 -5.62
C ALA A 597 42.70 16.88 -4.84
N PHE A 598 43.77 16.50 -4.14
CA PHE A 598 43.71 15.32 -3.28
C PHE A 598 42.63 15.48 -2.21
N ALA A 599 42.71 16.56 -1.44
CA ALA A 599 41.79 16.80 -0.33
C ALA A 599 40.32 16.67 -0.72
N VAL A 600 39.91 17.36 -1.79
CA VAL A 600 38.54 17.29 -2.25
C VAL A 600 38.13 15.86 -2.60
N GLN A 601 39.02 15.13 -3.27
CA GLN A 601 38.71 13.78 -3.69
C GLN A 601 38.67 12.83 -2.49
N TYR A 602 39.63 12.98 -1.57
CA TYR A 602 39.68 12.16 -0.36
C TYR A 602 38.43 12.36 0.48
N ALA A 603 38.06 13.62 0.68
CA ALA A 603 36.87 13.93 1.47
C ALA A 603 35.61 13.36 0.82
N THR A 604 35.52 13.44 -0.51
CA THR A 604 34.37 12.88 -1.23
C THR A 604 34.32 11.35 -1.01
N ALA A 605 35.46 10.69 -1.13
CA ALA A 605 35.55 9.24 -0.93
C ALA A 605 35.10 8.84 0.48
N ARG A 606 35.55 9.57 1.49
CA ARG A 606 35.16 9.27 2.86
C ARG A 606 33.65 9.52 3.08
N ALA A 607 33.10 10.53 2.43
CA ALA A 607 31.67 10.81 2.58
C ALA A 607 30.88 9.66 1.97
N LEU A 608 31.33 9.16 0.82
CA LEU A 608 30.68 8.02 0.19
C LEU A 608 30.73 6.81 1.10
N ALA A 609 31.89 6.60 1.74
CA ALA A 609 32.08 5.46 2.63
C ALA A 609 31.12 5.53 3.81
N GLY A 610 31.01 6.72 4.40
CA GLY A 610 30.08 6.98 5.47
C GLY A 610 28.61 6.74 5.08
N TRP A 611 28.32 6.81 3.79
CA TRP A 611 26.98 6.55 3.29
C TRP A 611 26.83 5.09 2.84
N GLY A 612 27.83 4.29 3.16
CA GLY A 612 27.78 2.86 2.94
C GLY A 612 28.46 2.32 1.72
N SER A 613 29.06 3.19 0.90
CA SER A 613 29.72 2.73 -0.31
C SER A 613 30.81 1.74 0.03
N THR A 614 30.93 0.69 -0.79
CA THR A 614 31.99 -0.28 -0.62
C THR A 614 32.82 -0.38 -1.91
N ALA A 615 32.62 0.58 -2.80
CA ALA A 615 33.43 0.69 -4.02
C ALA A 615 34.90 0.94 -3.69
N PRO A 616 35.82 0.15 -4.26
CA PRO A 616 37.24 0.43 -4.05
C PRO A 616 37.67 1.81 -4.53
N VAL A 617 38.58 2.42 -3.78
CA VAL A 617 39.24 3.64 -4.19
C VAL A 617 40.53 3.26 -4.90
N VAL A 618 40.66 3.69 -6.15
CA VAL A 618 41.89 3.52 -6.92
C VAL A 618 42.66 4.85 -7.01
N ALA A 619 43.89 4.84 -6.52
CA ALA A 619 44.81 5.96 -6.65
C ALA A 619 46.06 5.49 -7.39
N ALA A 620 46.03 5.60 -8.71
CA ALA A 620 47.04 4.97 -9.57
C ALA A 620 48.33 5.78 -9.72
N ASP A 621 48.26 7.10 -9.50
CA ASP A 621 49.39 8.00 -9.67
C ASP A 621 49.60 8.89 -8.45
N ARG A 622 50.51 8.47 -7.57
CA ARG A 622 50.69 9.10 -6.27
C ARG A 622 52.00 9.88 -6.15
N THR A 623 52.64 10.15 -7.29
CA THR A 623 54.00 10.72 -7.29
C THR A 623 54.06 12.10 -6.63
N GLU A 624 53.32 13.05 -7.18
CA GLU A 624 53.34 14.44 -6.70
C GLU A 624 52.46 14.67 -5.46
N LEU A 625 52.27 13.64 -4.65
CA LEU A 625 51.48 13.76 -3.41
C LEU A 625 52.38 13.79 -2.19
N PRO A 626 52.04 14.63 -1.18
CA PRO A 626 52.80 14.68 0.08
C PRO A 626 52.68 13.40 0.90
N ASP A 627 53.61 13.21 1.81
CA ASP A 627 53.61 12.01 2.65
C ASP A 627 52.29 11.81 3.39
N ALA A 628 51.73 12.89 3.93
CA ALA A 628 50.47 12.82 4.65
C ALA A 628 49.36 12.22 3.77
N ALA A 629 49.33 12.65 2.51
CA ALA A 629 48.35 12.13 1.57
C ALA A 629 48.61 10.64 1.32
N LEU A 630 49.87 10.24 1.33
CA LEU A 630 50.23 8.84 1.12
C LEU A 630 49.74 7.99 2.29
N ARG A 631 49.90 8.51 3.51
CA ARG A 631 49.44 7.78 4.69
C ARG A 631 47.92 7.64 4.68
N LEU A 632 47.22 8.71 4.34
CA LEU A 632 45.78 8.70 4.31
C LEU A 632 45.28 7.67 3.30
N LEU A 633 45.96 7.58 2.16
CA LEU A 633 45.61 6.60 1.15
C LEU A 633 45.85 5.19 1.65
N ASP A 634 46.92 5.01 2.42
CA ASP A 634 47.23 3.72 3.03
C ASP A 634 46.16 3.34 4.05
N GLY A 635 45.75 4.31 4.86
CA GLY A 635 44.76 4.10 5.89
C GLY A 635 43.43 3.57 5.38
N ILE A 636 42.96 4.09 4.26
CA ILE A 636 41.72 3.60 3.66
C ILE A 636 42.01 2.44 2.70
N GLY A 637 43.27 2.05 2.61
CA GLY A 637 43.66 0.94 1.76
C GLY A 637 43.31 1.16 0.30
N ALA A 638 43.73 2.30 -0.25
CA ALA A 638 43.47 2.59 -1.64
C ALA A 638 44.29 1.66 -2.53
N GLN A 639 43.66 1.11 -3.55
CA GLN A 639 44.34 0.24 -4.49
C GLN A 639 45.19 1.07 -5.47
N HIS A 640 46.19 0.43 -6.06
CA HIS A 640 47.03 1.09 -7.07
C HIS A 640 46.48 0.84 -8.49
N THR A 641 45.59 -0.15 -8.60
CA THR A 641 44.87 -0.38 -9.86
C THR A 641 43.69 -1.34 -9.63
N ALA A 642 42.84 -1.47 -10.64
CA ALA A 642 41.69 -2.38 -10.61
C ALA A 642 41.73 -3.34 -11.79
N GLY A 643 41.32 -4.59 -11.55
CA GLY A 643 41.28 -5.62 -12.57
C GLY A 643 39.87 -6.00 -12.94
N ARG A 646 37.39 -3.44 -14.37
CA ARG A 646 36.37 -2.74 -13.58
C ARG A 646 36.28 -1.27 -13.97
N PRO A 647 35.08 -0.80 -14.37
CA PRO A 647 34.88 0.62 -14.71
C PRO A 647 35.23 1.59 -13.57
N GLY A 648 35.86 2.71 -13.92
CA GLY A 648 36.27 3.72 -12.96
C GLY A 648 35.40 4.96 -13.01
N VAL A 649 34.99 5.43 -11.84
CA VAL A 649 34.19 6.65 -11.71
C VAL A 649 35.04 7.74 -11.02
N ALA A 650 35.21 8.88 -11.68
CA ALA A 650 36.10 9.92 -11.16
C ALA A 650 35.49 10.62 -9.94
N LEU A 651 36.35 10.98 -8.99
CA LEU A 651 35.92 11.68 -7.78
C LEU A 651 35.86 13.19 -7.97
N LEU A 652 36.27 13.66 -9.15
CA LEU A 652 36.24 15.08 -9.49
C LEU A 652 35.35 15.34 -10.70
N PRO A 653 34.63 16.47 -10.68
CA PRO A 653 33.85 16.80 -11.88
C PRO A 653 34.76 17.05 -13.08
N ALA A 654 34.31 16.67 -14.26
CA ALA A 654 35.02 17.03 -15.48
C ALA A 654 34.87 18.53 -15.71
N ALA A 655 35.77 19.11 -16.48
CA ALA A 655 35.67 20.53 -16.80
C ALA A 655 34.29 20.80 -17.40
N SER A 656 33.70 21.94 -17.04
CA SER A 656 32.41 22.36 -17.55
C SER A 656 31.29 21.36 -17.28
N ALA A 657 31.48 20.51 -16.26
CA ALA A 657 30.43 19.62 -15.79
C ALA A 657 29.73 20.26 -14.59
N PRO A 658 28.57 19.73 -14.18
CA PRO A 658 27.95 20.22 -12.94
C PRO A 658 28.86 20.03 -11.73
N VAL A 659 28.82 20.96 -10.78
CA VAL A 659 29.67 20.90 -9.58
C VAL A 659 28.80 20.87 -8.33
N GLY A 660 29.45 20.87 -7.18
CA GLY A 660 28.77 20.83 -5.91
C GLY A 660 27.88 19.61 -5.70
N THR A 661 26.77 19.81 -5.00
CA THR A 661 25.91 18.73 -4.60
C THR A 661 25.38 17.95 -5.81
N ALA A 662 25.12 18.67 -6.90
CA ALA A 662 24.66 18.02 -8.14
C ALA A 662 25.67 16.97 -8.60
N PHE A 663 26.95 17.27 -8.48
CA PHE A 663 27.97 16.31 -8.89
C PHE A 663 28.01 15.12 -7.95
N LEU A 664 28.01 15.40 -6.66
CA LEU A 664 28.07 14.36 -5.65
C LEU A 664 26.88 13.39 -5.75
N LEU A 665 25.69 13.94 -5.98
CA LEU A 665 24.50 13.08 -6.11
C LEU A 665 24.56 12.22 -7.37
N GLY A 666 25.10 12.76 -8.45
CA GLY A 666 25.29 12.00 -9.68
C GLY A 666 26.28 10.88 -9.51
N LEU A 667 27.30 11.13 -8.68
CA LEU A 667 28.30 10.13 -8.32
C LEU A 667 27.66 8.96 -7.59
N ILE A 668 26.89 9.28 -6.54
CA ILE A 668 26.17 8.27 -5.77
C ILE A 668 25.27 7.47 -6.69
N GLY A 669 24.53 8.18 -7.53
CA GLY A 669 23.63 7.54 -8.48
C GLY A 669 24.35 6.58 -9.40
N ARG A 670 25.50 6.99 -9.94
CA ARG A 670 26.25 6.14 -10.85
C ARG A 670 26.70 4.87 -10.13
N LEU A 671 27.23 5.02 -8.91
CA LEU A 671 27.69 3.87 -8.14
C LEU A 671 26.52 2.95 -7.79
N TRP A 672 25.43 3.55 -7.29
CA TRP A 672 24.32 2.77 -6.78
C TRP A 672 23.67 1.99 -7.90
N THR A 673 23.45 2.62 -9.06
CA THR A 673 22.81 1.91 -10.18
C THR A 673 23.66 0.74 -10.62
N ALA A 674 24.97 0.87 -10.44
CA ALA A 674 25.92 -0.15 -10.86
C ALA A 674 26.11 -1.23 -9.79
N GLY A 675 25.38 -1.12 -8.69
CA GLY A 675 25.35 -2.16 -7.67
C GLY A 675 26.08 -1.85 -6.37
N ASP A 676 26.62 -0.64 -6.24
CA ASP A 676 27.30 -0.27 -5.01
C ASP A 676 26.28 -0.23 -3.87
N THR A 677 26.77 -0.38 -2.65
CA THR A 677 25.92 -0.32 -1.48
C THR A 677 25.71 1.14 -1.04
N VAL A 678 24.50 1.49 -0.68
CA VAL A 678 24.22 2.78 -0.05
C VAL A 678 23.29 2.54 1.13
N ASP A 679 23.60 3.15 2.26
CA ASP A 679 22.72 3.09 3.40
C ASP A 679 21.87 4.34 3.37
N TRP A 680 20.68 4.21 2.80
CA TRP A 680 19.83 5.38 2.57
C TRP A 680 19.31 5.97 3.88
N THR A 681 19.28 5.18 4.94
CA THR A 681 18.90 5.70 6.25
C THR A 681 19.94 6.68 6.74
N VAL A 682 21.21 6.30 6.63
CA VAL A 682 22.28 7.22 7.01
C VAL A 682 22.29 8.41 6.07
N PHE A 683 22.09 8.17 4.79
CA PHE A 683 22.11 9.25 3.81
C PHE A 683 21.10 10.36 4.12
N HIS A 684 19.91 9.97 4.60
CA HIS A 684 18.84 10.93 4.89
C HIS A 684 18.74 11.36 6.36
N GLN A 685 19.68 10.87 7.19
CA GLN A 685 19.76 11.23 8.62
C GLN A 685 19.46 12.68 8.98
N GLY A 686 20.23 13.61 8.42
CA GLY A 686 20.23 14.98 8.87
C GLY A 686 18.99 15.79 8.56
N GLU A 687 17.94 15.14 8.07
CA GLU A 687 16.73 15.83 7.67
C GLU A 687 15.48 15.08 8.09
N PRO A 688 14.36 15.81 8.27
CA PRO A 688 13.09 15.14 8.52
C PRO A 688 12.61 14.43 7.25
N VAL A 689 12.25 13.16 7.40
CA VAL A 689 11.74 12.36 6.30
C VAL A 689 10.21 12.48 6.23
N ARG A 690 9.68 12.64 5.03
CA ARG A 690 8.24 12.62 4.81
C ARG A 690 7.89 11.57 3.76
N ARG A 691 7.22 10.51 4.18
CA ARG A 691 6.80 9.47 3.25
C ARG A 691 5.48 9.85 2.57
N VAL A 692 5.40 9.69 1.25
CA VAL A 692 4.20 10.08 0.51
C VAL A 692 3.79 9.01 -0.48
N PRO A 693 2.49 8.93 -0.80
CA PRO A 693 2.03 7.95 -1.80
C PRO A 693 2.62 8.18 -3.19
N LEU A 694 3.27 7.15 -3.73
CA LEU A 694 3.77 7.17 -5.10
C LEU A 694 3.29 5.90 -5.78
N PRO A 695 3.44 5.79 -7.11
CA PRO A 695 2.91 4.58 -7.75
C PRO A 695 3.57 3.33 -7.19
N THR A 696 2.86 2.21 -7.26
CA THR A 696 3.30 0.95 -6.68
C THR A 696 3.86 0.04 -7.78
N TYR A 697 4.46 -1.07 -7.39
CA TYR A 697 5.25 -1.91 -8.28
C TYR A 697 4.43 -2.45 -9.46
N PRO A 698 5.01 -2.44 -10.68
CA PRO A 698 4.29 -2.98 -11.85
C PRO A 698 4.50 -4.49 -11.97
N PHE A 699 3.78 -5.24 -11.14
CA PHE A 699 3.92 -6.68 -11.08
C PHE A 699 3.77 -7.29 -12.45
N GLU A 700 4.64 -8.25 -12.78
CA GLU A 700 4.56 -8.87 -14.10
C GLU A 700 3.26 -9.65 -14.19
N ARG A 701 2.50 -9.47 -15.26
CA ARG A 701 1.22 -10.17 -15.42
C ARG A 701 1.40 -11.58 -15.99
N VAL A 702 1.98 -12.48 -15.20
CA VAL A 702 2.15 -13.87 -15.60
C VAL A 702 0.99 -14.72 -15.07
N ARG A 703 0.33 -15.45 -15.97
CA ARG A 703 -0.76 -16.32 -15.55
C ARG A 703 -0.26 -17.60 -14.89
N HIS A 704 -0.79 -17.87 -13.69
CA HIS A 704 -0.55 -19.11 -12.98
C HIS A 704 -1.89 -19.66 -12.60
N TRP A 705 -2.27 -20.78 -13.22
CA TRP A 705 -3.61 -21.31 -13.06
C TRP A 705 -3.63 -22.81 -13.30
N ALA A 706 -3.99 -23.56 -12.27
CA ALA A 706 -4.06 -25.02 -12.36
C ALA A 706 -5.34 -25.41 -13.07
N GLU A 707 -5.20 -26.26 -14.08
CA GLU A 707 -6.36 -26.73 -14.82
C GLU A 707 -7.00 -27.93 -14.10
N PRO A 708 -8.32 -27.88 -13.86
CA PRO A 708 -8.97 -29.00 -13.18
C PRO A 708 -9.01 -30.27 -14.04
K K B . -31.09 -19.76 18.80
P PO4 C . -30.63 -23.29 13.74
O1 PO4 C . -30.52 -24.80 13.73
O2 PO4 C . -30.64 -22.82 15.18
O3 PO4 C . -31.92 -22.87 13.07
O4 PO4 C . -29.46 -22.68 12.99
C1 GOL D . -23.95 -11.51 4.64
O1 GOL D . -23.01 -10.57 5.07
C2 GOL D . -25.20 -11.41 5.50
O2 GOL D . -26.22 -12.24 5.01
C3 GOL D . -24.90 -11.77 6.95
O3 GOL D . -24.87 -10.60 7.74
H11 GOL D . -24.21 -11.32 3.59
H12 GOL D . -23.53 -12.52 4.71
H2 GOL D . -25.54 -10.37 5.48
HO2 GOL D . -25.92 -13.18 5.06
H31 GOL D . -23.93 -12.28 7.01
H32 GOL D . -25.66 -12.46 7.32
HO3 GOL D . -25.41 -10.75 8.55
#